data_6NJD
#
_entry.id   6NJD
#
_cell.length_a   77.740
_cell.length_b   102.090
_cell.length_c   90.920
_cell.angle_alpha   90.000
_cell.angle_beta   90.000
_cell.angle_gamma   90.000
#
_symmetry.space_group_name_H-M   'P 21 21 2'
#
loop_
_entity.id
_entity.type
_entity.pdbx_description
1 polymer Di-ubiquitin
2 polymer RavD
3 non-polymer 'MAGNESIUM ION'
4 water water
#
loop_
_entity_poly.entity_id
_entity_poly.type
_entity_poly.pdbx_seq_one_letter_code
_entity_poly.pdbx_strand_id
1 'polypeptide(L)'
;GPLGSMQIFVKTLTGKTITLEVEPSDTIENVKAKIQDKEGIPPDQQRLIFAGKQLEDGRTLSDYNIQKESTLHLVLRLRS
SMQIFVKTLTGKTITLEVEPSDTIENVKAKIQDKEGIPPDQQRLIFAGKQLEDGRTLSDYNIQKESTLHLVLRLRGG
;
A,C
2 'polypeptide(L)'
;GPLGS(MSE)NLKAEVFLNQNCAE(MSE)(MSE)IKKAAQLILGSDLDFEYTRGIQDIQVDLGPAF(MSE)FSPDEEKTL
WVSGKNQETLEKDLATLNKSSVYFFRTGTQGGAGHWQVLYYEAAKSGWVSYSSQSNHFQVTDSNGKLTASGKGLLVPHAN
WGKENGNYAFLLVNASAENIIHAANFVYILRTQNEVAAIEYCALNHEFHPEIKRTARAKAE
;
B,D
#
loop_
_chem_comp.id
_chem_comp.type
_chem_comp.name
_chem_comp.formula
MG non-polymer 'MAGNESIUM ION' 'Mg 2'
#
# COMPACT_ATOMS: atom_id res chain seq x y z
N GLY A 1 -46.37 15.96 -33.99
CA GLY A 1 -47.77 15.81 -34.47
C GLY A 1 -48.72 16.70 -33.68
N PRO A 2 -50.04 16.60 -33.97
CA PRO A 2 -51.08 17.48 -33.41
C PRO A 2 -51.57 17.13 -31.98
N LEU A 3 -51.20 15.97 -31.46
CA LEU A 3 -51.54 15.61 -30.07
C LEU A 3 -50.66 16.32 -29.05
N GLY A 4 -49.52 16.82 -29.51
CA GLY A 4 -48.63 17.62 -28.69
C GLY A 4 -47.54 16.76 -28.10
N SER A 5 -47.28 16.97 -26.82
CA SER A 5 -46.38 16.12 -26.06
C SER A 5 -46.78 16.15 -24.58
N MET A 6 -46.13 15.30 -23.80
CA MET A 6 -46.32 15.24 -22.36
C MET A 6 -44.97 15.24 -21.65
N GLN A 7 -45.04 15.53 -20.36
CA GLN A 7 -43.87 15.60 -19.50
C GLN A 7 -43.80 14.36 -18.60
N ILE A 8 -42.65 13.67 -18.63
CA ILE A 8 -42.26 12.72 -17.60
C ILE A 8 -40.98 13.19 -16.95
N PHE A 9 -40.68 12.61 -15.80
CA PHE A 9 -39.52 12.99 -14.96
C PHE A 9 -38.58 11.83 -14.72
N VAL A 10 -37.32 12.00 -15.13
CA VAL A 10 -36.28 11.00 -14.83
C VAL A 10 -35.50 11.43 -13.57
N LYS A 11 -35.73 10.69 -12.48
CA LYS A 11 -35.00 10.87 -11.21
C LYS A 11 -33.64 10.13 -11.25
N THR A 12 -32.60 10.76 -10.70
CA THR A 12 -31.24 10.18 -10.71
C THR A 12 -30.75 9.82 -9.30
N LEU A 13 -29.58 9.18 -9.23
CA LEU A 13 -28.99 8.71 -7.96
C LEU A 13 -28.52 9.82 -7.01
N THR A 14 -28.43 11.06 -7.52
CA THR A 14 -28.05 12.24 -6.72
C THR A 14 -29.23 12.90 -5.97
N GLY A 15 -30.47 12.65 -6.41
CA GLY A 15 -31.66 13.37 -5.94
C GLY A 15 -32.35 14.28 -6.96
N LYS A 16 -31.59 14.76 -7.94
CA LYS A 16 -32.09 15.57 -9.08
C LYS A 16 -33.22 14.88 -9.87
N THR A 17 -34.14 15.68 -10.41
CA THR A 17 -35.17 15.22 -11.36
C THR A 17 -35.07 15.97 -12.70
N ILE A 18 -34.82 15.24 -13.78
CA ILE A 18 -34.69 15.79 -15.12
C ILE A 18 -36.00 15.58 -15.88
N THR A 19 -36.36 16.54 -16.74
CA THR A 19 -37.68 16.61 -17.41
C THR A 19 -37.55 16.38 -18.91
N LEU A 20 -38.39 15.50 -19.47
CA LEU A 20 -38.40 15.22 -20.91
C LEU A 20 -39.77 15.51 -21.53
N GLU A 21 -39.76 15.94 -22.78
CA GLU A 21 -40.97 16.03 -23.61
C GLU A 21 -41.12 14.74 -24.43
N VAL A 22 -42.21 14.01 -24.21
CA VAL A 22 -42.45 12.72 -24.87
C VAL A 22 -43.90 12.54 -25.35
N GLU A 23 -44.16 11.44 -26.06
CA GLU A 23 -45.53 10.98 -26.37
C GLU A 23 -45.71 9.52 -25.89
N PRO A 24 -46.95 9.11 -25.51
CA PRO A 24 -47.22 7.72 -25.08
C PRO A 24 -46.83 6.66 -26.11
N SER A 25 -46.92 7.05 -27.39
CA SER A 25 -46.42 6.29 -28.53
C SER A 25 -44.92 5.93 -28.48
N ASP A 26 -44.10 6.74 -27.79
CA ASP A 26 -42.63 6.56 -27.79
C ASP A 26 -42.12 5.27 -27.13
N THR A 27 -40.98 4.80 -27.64
CA THR A 27 -40.29 3.63 -27.10
C THR A 27 -39.35 4.05 -25.97
N ILE A 28 -38.87 3.06 -25.23
CA ILE A 28 -37.89 3.28 -24.17
C ILE A 28 -36.53 3.71 -24.75
N GLU A 29 -36.15 3.24 -25.94
CA GLU A 29 -34.84 3.61 -26.52
C GLU A 29 -34.81 5.07 -26.95
N ASN A 30 -35.91 5.52 -27.55
CA ASN A 30 -36.17 6.95 -27.81
C ASN A 30 -35.95 7.82 -26.58
N VAL A 31 -36.51 7.37 -25.46
CA VAL A 31 -36.42 8.10 -24.20
C VAL A 31 -34.97 8.19 -23.74
N LYS A 32 -34.24 7.08 -23.82
CA LYS A 32 -32.80 7.08 -23.48
C LYS A 32 -32.02 8.01 -24.43
N ALA A 33 -32.38 8.00 -25.71
CA ALA A 33 -31.82 8.91 -26.72
C ALA A 33 -32.04 10.38 -26.38
N LYS A 34 -33.22 10.72 -25.86
CA LYS A 34 -33.51 12.07 -25.37
C LYS A 34 -32.67 12.41 -24.14
N ILE A 35 -32.53 11.44 -23.24
CA ILE A 35 -31.70 11.60 -22.03
C ILE A 35 -30.24 11.86 -22.41
N GLN A 36 -29.78 11.25 -23.51
CA GLN A 36 -28.43 11.46 -24.04
C GLN A 36 -28.13 12.95 -24.32
N ASP A 37 -29.05 13.63 -24.98
CA ASP A 37 -28.91 15.05 -25.32
C ASP A 37 -28.92 15.92 -24.06
N LYS A 38 -29.89 15.67 -23.19
CA LYS A 38 -30.19 16.55 -22.06
C LYS A 38 -29.18 16.49 -20.90
N GLU A 39 -28.50 15.35 -20.71
CA GLU A 39 -27.47 15.23 -19.65
C GLU A 39 -26.12 14.56 -20.06
N GLY A 40 -26.02 13.99 -21.26
CA GLY A 40 -24.73 13.55 -21.82
C GLY A 40 -24.33 12.13 -21.46
N ILE A 41 -25.25 11.18 -21.63
CA ILE A 41 -25.01 9.77 -21.33
C ILE A 41 -25.47 8.93 -22.52
N PRO A 42 -24.62 8.00 -23.00
CA PRO A 42 -25.09 7.14 -24.10
C PRO A 42 -26.15 6.13 -23.60
N PRO A 43 -27.12 5.75 -24.46
CA PRO A 43 -28.17 4.78 -24.10
C PRO A 43 -27.67 3.49 -23.42
N ASP A 44 -26.54 2.97 -23.91
CA ASP A 44 -26.03 1.67 -23.47
C ASP A 44 -25.63 1.61 -22.00
N GLN A 45 -25.19 2.73 -21.43
CA GLN A 45 -24.83 2.78 -20.01
C GLN A 45 -26.02 3.03 -19.06
N GLN A 46 -27.17 3.41 -19.60
CA GLN A 46 -28.31 3.79 -18.77
C GLN A 46 -29.39 2.70 -18.74
N ARG A 47 -29.96 2.55 -17.55
CA ARG A 47 -31.09 1.67 -17.34
C ARG A 47 -32.22 2.56 -16.83
N LEU A 48 -33.41 2.35 -17.38
CA LEU A 48 -34.59 3.04 -16.91
C LEU A 48 -35.40 2.04 -16.14
N ILE A 49 -35.74 2.43 -14.92
CA ILE A 49 -36.47 1.60 -14.00
C ILE A 49 -37.77 2.34 -13.78
N PHE A 50 -38.88 1.62 -13.86
CA PHE A 50 -40.20 2.18 -13.53
C PHE A 50 -41.06 1.09 -12.91
N ALA A 51 -41.90 1.48 -11.95
CA ALA A 51 -42.75 0.54 -11.18
C ALA A 51 -42.01 -0.75 -10.80
N GLY A 52 -40.75 -0.60 -10.37
CA GLY A 52 -39.87 -1.71 -10.04
C GLY A 52 -38.95 -2.23 -11.14
N LYS A 53 -39.50 -2.55 -12.30
CA LYS A 53 -38.78 -3.32 -13.32
C LYS A 53 -37.88 -2.45 -14.20
N GLN A 54 -36.82 -3.04 -14.75
CA GLN A 54 -36.08 -2.40 -15.81
C GLN A 54 -36.93 -2.49 -17.07
N LEU A 55 -36.93 -1.40 -17.84
CA LEU A 55 -37.76 -1.27 -19.01
C LEU A 55 -36.94 -1.70 -20.23
N GLU A 56 -37.57 -2.46 -21.12
CA GLU A 56 -36.94 -2.94 -22.35
C GLU A 56 -37.04 -1.90 -23.45
N ASP A 57 -35.99 -1.79 -24.25
CA ASP A 57 -35.88 -0.74 -25.28
C ASP A 57 -36.99 -0.75 -26.36
N GLY A 58 -37.55 -1.92 -26.65
CA GLY A 58 -38.56 -2.06 -27.71
C GLY A 58 -40.02 -1.85 -27.33
N ARG A 59 -40.32 -1.75 -26.04
CA ARG A 59 -41.69 -1.54 -25.58
C ARG A 59 -41.99 -0.03 -25.51
N THR A 60 -43.27 0.32 -25.55
CA THR A 60 -43.67 1.73 -25.50
C THR A 60 -43.93 2.19 -24.07
N LEU A 61 -43.96 3.51 -23.90
CA LEU A 61 -44.34 4.12 -22.62
C LEU A 61 -45.76 3.70 -22.25
N SER A 62 -46.67 3.73 -23.24
CA SER A 62 -48.07 3.32 -23.02
C SER A 62 -48.22 1.86 -22.59
N ASP A 63 -47.39 0.96 -23.14
CA ASP A 63 -47.33 -0.45 -22.67
C ASP A 63 -46.97 -0.60 -21.20
N TYR A 64 -46.13 0.32 -20.71
CA TYR A 64 -45.73 0.37 -19.30
C TYR A 64 -46.65 1.25 -18.43
N ASN A 65 -47.74 1.75 -19.01
CA ASN A 65 -48.64 2.68 -18.34
C ASN A 65 -47.90 3.89 -17.76
N ILE A 66 -46.86 4.33 -18.47
CA ILE A 66 -46.08 5.47 -18.06
C ILE A 66 -46.84 6.70 -18.54
N GLN A 67 -47.47 7.39 -17.59
CA GLN A 67 -48.41 8.46 -17.87
C GLN A 67 -47.78 9.83 -17.72
N LYS A 68 -48.56 10.83 -18.09
CA LYS A 68 -48.26 12.23 -17.80
C LYS A 68 -47.69 12.38 -16.37
N GLU A 69 -46.55 13.07 -16.27
CA GLU A 69 -45.88 13.38 -14.99
C GLU A 69 -45.36 12.18 -14.18
N SER A 70 -45.27 11.01 -14.81
CA SER A 70 -44.66 9.84 -14.15
C SER A 70 -43.18 10.06 -13.91
N THR A 71 -42.63 9.28 -12.99
CA THR A 71 -41.21 9.38 -12.63
C THR A 71 -40.52 8.05 -12.93
N LEU A 72 -39.52 8.12 -13.80
CA LEU A 72 -38.62 7.03 -14.08
C LEU A 72 -37.40 7.24 -13.19
N HIS A 73 -36.66 6.15 -12.94
CA HIS A 73 -35.35 6.23 -12.30
C HIS A 73 -34.27 5.92 -13.30
N LEU A 74 -33.33 6.84 -13.42
CA LEU A 74 -32.12 6.63 -14.20
C LEU A 74 -31.02 6.07 -13.28
N VAL A 75 -30.53 4.88 -13.62
CA VAL A 75 -29.44 4.22 -12.90
C VAL A 75 -28.43 3.78 -13.95
N LEU A 76 -27.14 3.93 -13.63
CA LEU A 76 -26.08 3.64 -14.60
C LEU A 76 -25.61 2.20 -14.41
N ARG A 77 -25.20 1.56 -15.52
CA ARG A 77 -24.55 0.24 -15.46
C ARG A 77 -23.29 0.37 -14.61
N LEU A 78 -23.10 -0.60 -13.72
CA LEU A 78 -22.14 -0.45 -12.63
C LEU A 78 -20.72 -0.60 -13.15
N ARG A 79 -19.89 0.37 -12.79
CA ARG A 79 -18.47 0.38 -13.09
C ARG A 79 -17.75 -0.05 -11.81
N SER A 80 -16.61 -0.68 -11.99
CA SER A 80 -15.76 -1.01 -10.86
C SER A 80 -14.96 0.22 -10.53
N SER A 81 -14.94 0.54 -9.26
CA SER A 81 -14.07 1.59 -8.76
C SER A 81 -13.36 1.06 -7.54
N MET A 82 -12.29 1.76 -7.16
CA MET A 82 -11.59 1.48 -5.92
C MET A 82 -10.85 2.72 -5.44
N GLN A 83 -10.40 2.71 -4.19
CA GLN A 83 -9.40 3.66 -3.76
C GLN A 83 -7.99 3.12 -3.85
N ILE A 84 -7.08 3.97 -4.33
CA ILE A 84 -5.65 3.76 -4.21
C ILE A 84 -4.96 4.93 -3.50
N PHE A 85 -3.75 4.69 -3.03
CA PHE A 85 -2.99 5.64 -2.26
C PHE A 85 -1.70 5.95 -3.00
N VAL A 86 -1.31 7.22 -2.98
CA VAL A 86 -0.06 7.67 -3.62
C VAL A 86 0.76 8.32 -2.51
N LYS A 87 1.91 7.73 -2.22
CA LYS A 87 2.85 8.29 -1.26
C LYS A 87 3.79 9.21 -2.02
N THR A 88 4.05 10.40 -1.49
CA THR A 88 5.12 11.27 -1.99
C THR A 88 6.32 11.11 -1.05
N LEU A 89 7.51 11.53 -1.51
CA LEU A 89 8.71 11.52 -0.63
C LEU A 89 8.61 12.44 0.61
N THR A 90 7.72 13.42 0.58
CA THR A 90 7.32 14.19 1.78
C THR A 90 6.57 13.36 2.85
N GLY A 91 6.11 12.16 2.49
CA GLY A 91 5.37 11.29 3.42
C GLY A 91 3.87 11.52 3.41
N LYS A 92 3.39 12.42 2.54
CA LYS A 92 1.96 12.68 2.41
C LYS A 92 1.36 11.58 1.57
N THR A 93 0.12 11.22 1.91
CA THR A 93 -0.64 10.21 1.19
C THR A 93 -1.81 10.86 0.51
N ILE A 94 -1.93 10.60 -0.78
CA ILE A 94 -3.00 11.14 -1.59
C ILE A 94 -3.93 9.96 -1.87
N THR A 95 -5.22 10.15 -1.66
CA THR A 95 -6.18 9.08 -1.89
C THR A 95 -6.95 9.38 -3.15
N LEU A 96 -6.87 8.47 -4.11
CA LEU A 96 -7.55 8.61 -5.40
C LEU A 96 -8.69 7.63 -5.55
N GLU A 97 -9.77 8.09 -6.17
CA GLU A 97 -10.86 7.24 -6.63
C GLU A 97 -10.57 6.89 -8.09
N VAL A 98 -10.41 5.62 -8.37
CA VAL A 98 -9.99 5.17 -9.71
C VAL A 98 -10.79 3.94 -10.15
N GLU A 99 -10.68 3.61 -11.43
CA GLU A 99 -11.11 2.30 -11.96
C GLU A 99 -9.90 1.46 -12.39
N PRO A 100 -9.99 0.11 -12.31
CA PRO A 100 -8.90 -0.74 -12.81
C PRO A 100 -8.48 -0.46 -14.25
N SER A 101 -9.43 -0.05 -15.10
CA SER A 101 -9.18 0.31 -16.49
C SER A 101 -8.61 1.72 -16.70
N ASP A 102 -8.47 2.53 -15.64
CA ASP A 102 -7.85 3.85 -15.77
C ASP A 102 -6.40 3.75 -16.25
N THR A 103 -6.03 4.64 -17.16
CA THR A 103 -4.65 4.70 -17.60
C THR A 103 -3.82 5.34 -16.50
N ILE A 104 -2.53 5.11 -16.57
CA ILE A 104 -1.62 5.81 -15.71
C ILE A 104 -1.76 7.32 -15.93
N GLU A 105 -1.99 7.73 -17.17
CA GLU A 105 -2.27 9.13 -17.49
C GLU A 105 -3.47 9.71 -16.74
N ASN A 106 -4.59 8.99 -16.78
CA ASN A 106 -5.79 9.35 -16.01
C ASN A 106 -5.45 9.52 -14.52
N VAL A 107 -4.60 8.63 -14.02
CA VAL A 107 -4.20 8.66 -12.61
C VAL A 107 -3.40 9.92 -12.31
N LYS A 108 -2.45 10.28 -13.19
CA LYS A 108 -1.68 11.50 -13.00
C LYS A 108 -2.60 12.71 -13.10
N ALA A 109 -3.59 12.67 -13.97
CA ALA A 109 -4.62 13.68 -14.00
C ALA A 109 -5.38 13.84 -12.66
N LYS A 110 -5.72 12.74 -12.01
CA LYS A 110 -6.37 12.80 -10.69
C LYS A 110 -5.43 13.34 -9.63
N ILE A 111 -4.15 13.01 -9.74
CA ILE A 111 -3.12 13.57 -8.87
C ILE A 111 -2.98 15.10 -9.03
N GLN A 112 -3.07 15.55 -10.28
CA GLN A 112 -3.07 16.99 -10.55
C GLN A 112 -4.25 17.69 -9.85
N ASP A 113 -5.44 17.11 -9.97
CA ASP A 113 -6.62 17.63 -9.29
C ASP A 113 -6.36 17.89 -7.79
N LYS A 114 -5.66 17.00 -7.14
CA LYS A 114 -5.39 17.08 -5.71
C LYS A 114 -4.24 18.01 -5.39
N GLU A 115 -3.16 17.88 -6.15
CA GLU A 115 -1.87 18.52 -5.85
C GLU A 115 -1.50 19.70 -6.75
N GLY A 116 -2.16 19.85 -7.90
CA GLY A 116 -1.81 20.87 -8.90
C GLY A 116 -0.51 20.62 -9.66
N ILE A 117 0.10 19.44 -9.45
CA ILE A 117 1.33 19.02 -10.12
C ILE A 117 0.91 18.61 -11.52
N PRO A 118 1.49 19.25 -12.56
CA PRO A 118 1.06 18.82 -13.90
C PRO A 118 1.53 17.38 -14.17
N PRO A 119 0.73 16.57 -14.89
CA PRO A 119 1.13 15.21 -15.25
C PRO A 119 2.58 15.07 -15.74
N ASP A 120 3.07 16.05 -16.51
CA ASP A 120 4.47 16.04 -17.02
C ASP A 120 5.54 15.90 -15.99
N GLN A 121 5.32 16.51 -14.84
CA GLN A 121 6.30 16.45 -13.76
C GLN A 121 6.17 15.20 -12.87
N GLN A 122 5.21 14.31 -13.14
CA GLN A 122 4.95 13.14 -12.27
C GLN A 122 5.59 11.86 -12.80
N ARG A 123 6.31 11.15 -11.95
CA ARG A 123 6.63 9.76 -12.23
C ARG A 123 5.96 8.93 -11.16
N LEU A 124 5.27 7.88 -11.59
CA LEU A 124 4.62 6.95 -10.65
C LEU A 124 5.35 5.62 -10.61
N ILE A 125 5.50 5.10 -9.40
CA ILE A 125 6.13 3.82 -9.13
C ILE A 125 5.19 2.91 -8.32
N PHE A 126 5.07 1.65 -8.76
CA PHE A 126 4.38 0.57 -8.00
C PHE A 126 5.26 -0.67 -8.04
N ALA A 127 5.43 -1.34 -6.91
CA ALA A 127 6.24 -2.56 -6.74
C ALA A 127 7.65 -2.38 -7.36
N GLY A 128 8.26 -1.24 -7.06
CA GLY A 128 9.60 -0.88 -7.49
C GLY A 128 9.79 -0.50 -8.94
N LYS A 129 8.70 -0.45 -9.73
CA LYS A 129 8.76 -0.26 -11.19
C LYS A 129 8.11 1.05 -11.60
N GLN A 130 8.70 1.77 -12.56
CA GLN A 130 8.08 2.95 -13.14
C GLN A 130 6.86 2.57 -13.98
N LEU A 131 5.79 3.35 -13.84
CA LEU A 131 4.56 3.10 -14.56
C LEU A 131 4.48 3.98 -15.80
N GLU A 132 4.10 3.35 -16.92
CA GLU A 132 4.06 3.99 -18.23
C GLU A 132 2.68 4.53 -18.51
N ASP A 133 2.64 5.73 -19.09
CA ASP A 133 1.40 6.53 -19.20
C ASP A 133 0.23 5.84 -19.93
N GLY A 134 0.55 5.05 -20.95
CA GLY A 134 -0.47 4.39 -21.78
C GLY A 134 -0.99 3.05 -21.29
N ARG A 135 -0.39 2.47 -20.25
CA ARG A 135 -0.86 1.20 -19.68
C ARG A 135 -1.96 1.50 -18.65
N THR A 136 -2.62 0.46 -18.16
CA THR A 136 -3.70 0.64 -17.17
C THR A 136 -3.26 0.15 -15.81
N LEU A 137 -4.05 0.51 -14.81
CA LEU A 137 -3.83 0.03 -13.44
C LEU A 137 -3.82 -1.51 -13.42
N SER A 138 -4.80 -2.14 -14.07
CA SER A 138 -4.91 -3.61 -14.11
C SER A 138 -3.71 -4.27 -14.76
N ASP A 139 -3.06 -3.60 -15.71
CA ASP A 139 -1.82 -4.12 -16.32
C ASP A 139 -0.71 -4.32 -15.30
N TYR A 140 -0.66 -3.46 -14.28
CA TYR A 140 0.31 -3.57 -13.19
C TYR A 140 -0.24 -4.31 -11.95
N ASN A 141 -1.38 -4.99 -12.11
CA ASN A 141 -2.13 -5.62 -11.01
C ASN A 141 -2.27 -4.67 -9.81
N ILE A 142 -2.64 -3.43 -10.10
CA ILE A 142 -2.86 -2.45 -9.06
C ILE A 142 -4.31 -2.68 -8.67
N GLN A 143 -4.56 -2.91 -7.39
CA GLN A 143 -5.89 -3.32 -6.93
C GLN A 143 -6.28 -2.42 -5.77
N LYS A 144 -7.39 -2.74 -5.10
CA LYS A 144 -7.93 -1.82 -4.11
C LYS A 144 -6.96 -1.62 -2.98
N GLU A 145 -6.82 -0.38 -2.56
CA GLU A 145 -5.95 0.00 -1.44
C GLU A 145 -4.46 -0.20 -1.73
N SER A 146 -4.12 -0.44 -2.99
CA SER A 146 -2.73 -0.44 -3.41
C SER A 146 -2.09 0.92 -3.15
N THR A 147 -0.79 0.88 -2.89
CA THR A 147 -0.03 2.08 -2.61
C THR A 147 1.02 2.28 -3.67
N LEU A 148 0.89 3.39 -4.38
CA LEU A 148 1.89 3.85 -5.35
C LEU A 148 2.78 4.93 -4.73
N HIS A 149 3.87 5.25 -5.42
CA HIS A 149 4.78 6.32 -5.02
C HIS A 149 4.93 7.37 -6.11
N LEU A 150 4.85 8.64 -5.72
CA LEU A 150 5.00 9.78 -6.63
C LEU A 150 6.39 10.37 -6.48
N VAL A 151 7.14 10.43 -7.58
CA VAL A 151 8.42 11.19 -7.62
C VAL A 151 8.35 12.27 -8.70
N LEU A 152 8.82 13.46 -8.37
CA LEU A 152 8.82 14.59 -9.31
C LEU A 152 9.96 14.50 -10.32
N ARG A 153 9.68 15.01 -11.51
CA ARG A 153 10.64 15.22 -12.60
C ARG A 153 10.30 16.52 -13.32
N PHE B 13 -11.85 -16.31 -0.22
CA PHE B 13 -13.32 -16.26 0.09
C PHE B 13 -13.75 -14.84 0.50
N LEU B 14 -14.38 -14.12 -0.42
CA LEU B 14 -14.82 -12.72 -0.24
C LEU B 14 -13.67 -11.72 -0.01
N ASN B 15 -12.84 -11.58 -1.04
CA ASN B 15 -11.86 -10.49 -1.13
C ASN B 15 -12.53 -9.10 -1.19
N GLN B 16 -13.59 -8.99 -1.97
CA GLN B 16 -14.27 -7.72 -2.21
C GLN B 16 -15.51 -7.63 -1.32
N ASN B 17 -15.30 -7.63 0.00
CA ASN B 17 -16.37 -7.54 1.01
C ASN B 17 -16.49 -6.17 1.67
N CYS B 18 -15.89 -5.14 1.07
CA CYS B 18 -16.05 -3.79 1.55
C CYS B 18 -17.50 -3.40 1.75
N ALA B 19 -18.39 -3.74 0.81
CA ALA B 19 -19.82 -3.35 0.91
C ALA B 19 -20.45 -3.94 2.17
N GLU B 20 -20.21 -5.24 2.40
CA GLU B 20 -20.75 -5.92 3.59
C GLU B 20 -20.24 -5.28 4.88
N MSE B 21 -18.95 -4.95 4.91
CA MSE B 21 -18.34 -4.41 6.12
C MSE B 21 -18.90 -3.03 6.45
O MSE B 21 -19.15 -2.71 7.60
CB MSE B 21 -16.81 -4.39 6.01
CG MSE B 21 -16.21 -5.79 5.88
SE MSE B 21 -16.53 -6.84 7.49
CE MSE B 21 -17.48 -8.45 6.90
N MSE B 22 -19.09 -2.20 5.44
CA MSE B 22 -19.67 -0.86 5.61
C MSE B 22 -21.10 -0.97 6.09
O MSE B 22 -21.55 -0.22 6.97
CB MSE B 22 -19.79 -0.15 4.27
CG MSE B 22 -18.47 0.40 3.81
SE MSE B 22 -18.86 1.46 2.19
CE MSE B 22 -20.70 1.97 2.25
N ILE B 23 -21.83 -1.85 5.46
CA ILE B 23 -23.24 -2.04 5.78
C ILE B 23 -23.37 -2.58 7.20
N LYS B 24 -22.48 -3.49 7.60
CA LYS B 24 -22.50 -4.02 8.98
C LYS B 24 -22.22 -2.94 10.00
N LYS B 25 -21.31 -2.03 9.68
CA LYS B 25 -20.95 -0.92 10.54
C LYS B 25 -22.17 -0.03 10.78
N ALA B 26 -22.84 0.37 9.70
CA ALA B 26 -24.06 1.19 9.75
C ALA B 26 -25.17 0.49 10.53
N ALA B 27 -25.39 -0.78 10.25
CA ALA B 27 -26.35 -1.57 11.00
C ALA B 27 -26.01 -1.65 12.51
N GLN B 28 -24.75 -1.86 12.85
CA GLN B 28 -24.36 -1.86 14.27
C GLN B 28 -24.71 -0.52 14.95
N LEU B 29 -24.32 0.58 14.32
CA LEU B 29 -24.50 1.91 14.89
C LEU B 29 -25.96 2.34 14.95
N ILE B 30 -26.74 2.01 13.93
CA ILE B 30 -28.09 2.54 13.81
C ILE B 30 -29.17 1.54 14.26
N LEU B 31 -29.04 0.28 13.91
CA LEU B 31 -30.05 -0.72 14.22
C LEU B 31 -29.75 -1.55 15.45
N GLY B 32 -28.56 -1.43 16.05
CA GLY B 32 -28.14 -2.32 17.12
C GLY B 32 -28.16 -3.77 16.67
N SER B 33 -27.65 -4.01 15.48
CA SER B 33 -27.75 -5.33 14.87
C SER B 33 -26.48 -5.67 14.09
N ASP B 34 -25.88 -6.82 14.40
CA ASP B 34 -24.82 -7.38 13.58
C ASP B 34 -25.48 -8.13 12.42
N LEU B 35 -24.93 -8.00 11.24
CA LEU B 35 -25.42 -8.72 10.06
C LEU B 35 -24.41 -9.75 9.65
N ASP B 36 -24.87 -10.92 9.26
CA ASP B 36 -24.03 -11.95 8.66
C ASP B 36 -24.64 -12.35 7.31
N PHE B 37 -23.90 -12.09 6.24
CA PHE B 37 -24.34 -12.36 4.90
C PHE B 37 -23.93 -13.79 4.63
N GLU B 38 -24.90 -14.68 4.53
CA GLU B 38 -24.64 -16.11 4.44
C GLU B 38 -24.61 -16.49 2.97
N TYR B 39 -23.41 -16.49 2.40
CA TYR B 39 -23.19 -16.86 1.00
C TYR B 39 -22.65 -18.29 0.85
N THR B 40 -22.89 -18.88 -0.33
CA THR B 40 -22.32 -20.16 -0.77
C THR B 40 -21.21 -19.89 -1.79
N ARG B 41 -20.41 -20.91 -2.11
CA ARG B 41 -19.52 -20.85 -3.28
C ARG B 41 -20.28 -20.38 -4.56
N GLY B 42 -19.57 -19.68 -5.42
CA GLY B 42 -20.13 -19.18 -6.68
C GLY B 42 -20.70 -17.77 -6.69
N ILE B 43 -20.34 -16.93 -5.72
CA ILE B 43 -20.80 -15.54 -5.72
C ILE B 43 -19.88 -14.62 -6.52
N GLN B 44 -20.44 -13.49 -6.96
CA GLN B 44 -19.66 -12.40 -7.55
C GLN B 44 -18.77 -11.71 -6.49
N ASP B 45 -17.50 -12.05 -6.48
CA ASP B 45 -16.51 -11.45 -5.59
C ASP B 45 -15.93 -10.22 -6.26
N ILE B 46 -16.73 -9.15 -6.27
CA ILE B 46 -16.46 -7.91 -7.00
C ILE B 46 -16.80 -6.68 -6.17
N GLN B 47 -16.23 -5.54 -6.56
CA GLN B 47 -16.56 -4.29 -5.93
C GLN B 47 -18.01 -3.94 -6.27
N VAL B 48 -18.76 -3.51 -5.27
CA VAL B 48 -20.17 -3.19 -5.46
C VAL B 48 -20.34 -1.72 -5.20
N ASP B 49 -20.90 -1.04 -6.19
CA ASP B 49 -21.35 0.34 -6.12
C ASP B 49 -22.75 0.31 -5.52
N LEU B 50 -22.91 0.95 -4.37
CA LEU B 50 -24.17 0.95 -3.65
C LEU B 50 -25.21 1.88 -4.21
N GLY B 51 -24.79 2.80 -5.08
CA GLY B 51 -25.68 3.85 -5.60
C GLY B 51 -27.13 3.46 -5.85
N PRO B 52 -27.35 2.44 -6.70
CA PRO B 52 -28.70 2.02 -7.05
C PRO B 52 -29.54 1.57 -5.87
N ALA B 53 -28.90 1.06 -4.81
CA ALA B 53 -29.61 0.73 -3.57
C ALA B 53 -30.38 1.94 -2.99
N PHE B 54 -29.91 3.15 -3.28
CA PHE B 54 -30.50 4.36 -2.70
C PHE B 54 -31.47 5.10 -3.60
N MSE B 55 -31.88 4.48 -4.71
CA MSE B 55 -32.80 5.15 -5.64
C MSE B 55 -34.17 5.39 -5.07
O MSE B 55 -34.85 6.29 -5.53
CB MSE B 55 -32.94 4.36 -6.95
CG MSE B 55 -33.81 3.11 -6.85
SE MSE B 55 -34.05 2.30 -8.65
CE MSE B 55 -32.26 1.48 -8.74
N PHE B 56 -34.59 4.60 -4.09
CA PHE B 56 -35.91 4.66 -3.48
C PHE B 56 -35.93 5.57 -2.23
N SER B 57 -34.76 6.01 -1.79
CA SER B 57 -34.63 6.86 -0.62
C SER B 57 -35.37 8.21 -0.80
N PRO B 58 -36.05 8.72 0.26
CA PRO B 58 -36.62 10.07 0.11
C PRO B 58 -35.53 11.11 -0.21
N ASP B 59 -35.92 12.14 -0.95
CA ASP B 59 -34.98 13.17 -1.40
C ASP B 59 -34.27 13.87 -0.24
N GLU B 60 -34.98 14.10 0.86
CA GLU B 60 -34.38 14.68 2.07
C GLU B 60 -33.28 13.79 2.70
N GLU B 61 -33.17 12.53 2.29
CA GLU B 61 -32.12 11.66 2.77
C GLU B 61 -30.91 11.55 1.82
N LYS B 62 -30.87 12.30 0.72
CA LYS B 62 -29.72 12.36 -0.20
C LYS B 62 -29.33 13.80 -0.36
N THR B 63 -28.09 14.15 -0.05
CA THR B 63 -27.64 15.53 -0.24
C THR B 63 -26.27 15.60 -0.86
N LEU B 64 -26.11 16.52 -1.81
CA LEU B 64 -24.86 16.73 -2.52
C LEU B 64 -24.12 17.92 -1.90
N TRP B 65 -22.89 17.71 -1.45
CA TRP B 65 -22.00 18.80 -1.03
C TRP B 65 -21.01 19.14 -2.15
N VAL B 66 -20.63 20.42 -2.23
CA VAL B 66 -19.72 20.93 -3.28
C VAL B 66 -18.58 21.75 -2.67
N SER B 67 -18.20 21.36 -1.45
CA SER B 67 -17.31 22.11 -0.57
C SER B 67 -15.85 21.64 -0.50
N GLY B 68 -15.48 20.61 -1.25
CA GLY B 68 -14.15 20.04 -1.07
C GLY B 68 -12.96 20.73 -1.72
N LYS B 69 -13.15 21.86 -2.40
CA LYS B 69 -12.00 22.64 -2.87
C LYS B 69 -11.20 23.24 -1.69
N ASN B 70 -11.87 23.65 -0.62
CA ASN B 70 -11.22 24.34 0.51
C ASN B 70 -11.51 23.72 1.87
N GLN B 71 -10.46 23.53 2.65
CA GLN B 71 -10.56 23.02 4.02
C GLN B 71 -11.69 23.62 4.86
N GLU B 72 -11.85 24.95 4.81
CA GLU B 72 -12.79 25.61 5.72
C GLU B 72 -14.26 25.38 5.32
N THR B 73 -14.57 25.36 4.04
CA THR B 73 -15.96 25.08 3.63
C THR B 73 -16.39 23.60 3.87
N LEU B 74 -15.43 22.65 3.82
CA LEU B 74 -15.70 21.25 4.19
C LEU B 74 -15.90 21.11 5.70
N GLU B 75 -14.96 21.66 6.49
CA GLU B 75 -15.07 21.68 7.96
C GLU B 75 -16.43 22.19 8.40
N LYS B 76 -16.89 23.25 7.74
CA LYS B 76 -18.22 23.83 7.95
C LYS B 76 -19.36 22.88 7.61
N ASP B 77 -19.33 22.23 6.45
CA ASP B 77 -20.32 21.18 6.13
C ASP B 77 -20.34 20.02 7.14
N LEU B 78 -19.15 19.61 7.60
CA LEU B 78 -19.02 18.55 8.59
C LEU B 78 -19.57 18.97 9.92
N ALA B 79 -19.15 20.16 10.41
CA ALA B 79 -19.67 20.74 11.65
C ALA B 79 -21.19 20.94 11.67
N THR B 80 -21.84 21.01 10.51
CA THR B 80 -23.32 21.04 10.49
C THR B 80 -23.95 19.70 10.82
N LEU B 81 -23.23 18.59 10.63
CA LEU B 81 -23.82 17.26 10.72
C LEU B 81 -24.12 16.91 12.18
N ASN B 82 -25.24 16.23 12.36
CA ASN B 82 -25.64 15.75 13.69
C ASN B 82 -24.81 14.50 14.03
N LYS B 83 -24.07 14.58 15.14
CA LYS B 83 -23.10 13.56 15.55
C LYS B 83 -23.66 12.18 15.95
N SER B 84 -24.99 12.06 16.02
CA SER B 84 -25.64 10.77 16.19
C SER B 84 -26.08 10.15 14.85
N SER B 85 -25.90 10.87 13.74
CA SER B 85 -26.32 10.39 12.41
C SER B 85 -25.19 9.58 11.76
N VAL B 86 -25.54 8.63 10.92
CA VAL B 86 -24.57 7.90 10.10
C VAL B 86 -24.98 8.05 8.62
N TYR B 87 -23.99 8.13 7.74
CA TYR B 87 -24.23 8.39 6.32
C TYR B 87 -23.44 7.42 5.48
N PHE B 88 -24.01 6.96 4.37
CA PHE B 88 -23.21 6.44 3.27
C PHE B 88 -22.75 7.68 2.50
N PHE B 89 -21.48 7.71 2.13
CA PHE B 89 -20.79 8.95 1.74
C PHE B 89 -19.90 8.64 0.54
N ARG B 90 -20.22 9.24 -0.61
CA ARG B 90 -19.56 8.94 -1.89
C ARG B 90 -18.65 10.08 -2.27
N THR B 91 -17.39 9.75 -2.55
CA THR B 91 -16.39 10.71 -2.99
C THR B 91 -16.06 10.34 -4.42
N GLY B 92 -15.52 11.28 -5.18
CA GLY B 92 -15.25 11.10 -6.58
C GLY B 92 -15.92 12.18 -7.40
N THR B 93 -16.02 11.93 -8.70
CA THR B 93 -16.57 12.87 -9.66
C THR B 93 -17.91 12.35 -10.16
N GLN B 94 -18.72 13.26 -10.70
CA GLN B 94 -20.11 12.94 -11.08
C GLN B 94 -20.20 11.95 -12.25
N GLY B 95 -19.40 12.14 -13.28
CA GLY B 95 -19.39 11.16 -14.38
C GLY B 95 -18.63 9.87 -14.09
N GLY B 96 -17.73 9.90 -13.10
CA GLY B 96 -16.61 8.95 -13.04
C GLY B 96 -16.57 8.01 -11.88
N ALA B 97 -15.35 7.65 -11.48
CA ALA B 97 -15.12 6.72 -10.38
C ALA B 97 -15.62 7.35 -9.09
N GLY B 98 -16.42 6.59 -8.37
CA GLY B 98 -16.96 6.99 -7.09
C GLY B 98 -16.64 5.91 -6.10
N HIS B 99 -16.48 6.32 -4.85
CA HIS B 99 -16.12 5.40 -3.81
C HIS B 99 -17.06 5.65 -2.68
N TRP B 100 -17.68 4.58 -2.18
CA TRP B 100 -18.52 4.69 -1.01
C TRP B 100 -17.78 4.35 0.28
N GLN B 101 -18.12 5.07 1.34
CA GLN B 101 -17.60 4.84 2.67
C GLN B 101 -18.67 5.23 3.66
N VAL B 102 -18.57 4.72 4.88
CA VAL B 102 -19.47 5.13 5.93
C VAL B 102 -18.86 6.29 6.71
N LEU B 103 -19.68 7.30 6.97
CA LEU B 103 -19.29 8.47 7.73
C LEU B 103 -20.04 8.39 9.07
N TYR B 104 -19.29 8.32 10.16
CA TYR B 104 -19.89 8.29 11.51
C TYR B 104 -18.98 9.05 12.48
N TYR B 105 -19.58 9.53 13.57
CA TYR B 105 -18.81 10.22 14.62
C TYR B 105 -18.43 9.22 15.70
N GLU B 106 -17.14 8.92 15.84
CA GLU B 106 -16.66 8.03 16.90
C GLU B 106 -16.33 8.86 18.13
N ALA B 107 -17.25 8.87 19.10
CA ALA B 107 -17.08 9.65 20.35
C ALA B 107 -15.72 9.38 21.06
N ALA B 108 -15.27 8.14 21.04
CA ALA B 108 -13.96 7.75 21.58
C ALA B 108 -12.74 8.53 21.04
N LYS B 109 -12.77 8.87 19.76
CA LYS B 109 -11.71 9.66 19.14
C LYS B 109 -12.07 11.15 19.03
N SER B 110 -13.30 11.52 19.37
CA SER B 110 -13.83 12.87 19.20
C SER B 110 -13.59 13.40 17.78
N GLY B 111 -14.16 12.73 16.80
CA GLY B 111 -14.09 13.18 15.40
C GLY B 111 -14.90 12.32 14.46
N TRP B 112 -15.22 12.88 13.31
CA TRP B 112 -15.83 12.14 12.20
C TRP B 112 -14.83 11.14 11.62
N VAL B 113 -15.32 9.95 11.31
CA VAL B 113 -14.53 8.87 10.72
C VAL B 113 -15.15 8.44 9.39
N SER B 114 -14.29 8.11 8.44
CA SER B 114 -14.67 7.51 7.18
C SER B 114 -14.20 6.07 7.27
N TYR B 115 -15.13 5.14 7.07
CA TYR B 115 -14.86 3.72 7.09
C TYR B 115 -15.29 3.12 5.75
N SER B 116 -14.31 2.66 4.97
CA SER B 116 -14.53 1.99 3.67
C SER B 116 -14.47 0.46 3.76
N SER B 117 -13.65 -0.02 4.68
CA SER B 117 -13.44 -1.44 4.91
C SER B 117 -12.68 -1.55 6.21
N GLN B 118 -12.50 -2.78 6.65
CA GLN B 118 -11.67 -3.07 7.80
C GLN B 118 -10.22 -2.54 7.63
N SER B 119 -9.72 -2.48 6.39
CA SER B 119 -8.32 -2.09 6.09
C SER B 119 -8.14 -0.66 5.57
N ASN B 120 -9.22 0.12 5.47
CA ASN B 120 -9.19 1.44 4.83
C ASN B 120 -10.22 2.26 5.55
N HIS B 121 -9.73 3.10 6.45
CA HIS B 121 -10.57 4.01 7.18
C HIS B 121 -9.70 5.12 7.74
N PHE B 122 -10.28 6.25 8.07
CA PHE B 122 -9.49 7.30 8.71
C PHE B 122 -10.36 8.22 9.51
N GLN B 123 -9.70 8.93 10.43
CA GLN B 123 -10.34 9.99 11.17
C GLN B 123 -10.29 11.26 10.33
N VAL B 124 -11.45 11.86 10.13
CA VAL B 124 -11.63 12.96 9.20
C VAL B 124 -11.35 14.24 9.94
N THR B 125 -11.90 14.38 11.15
CA THR B 125 -11.77 15.56 11.98
C THR B 125 -11.18 15.26 13.38
N ASP B 126 -10.58 16.29 13.97
CA ASP B 126 -10.09 16.25 15.36
C ASP B 126 -11.18 16.69 16.36
N SER B 127 -10.85 16.62 17.66
CA SER B 127 -11.73 17.05 18.76
C SER B 127 -12.33 18.46 18.63
N ASN B 128 -11.61 19.36 17.97
CA ASN B 128 -12.10 20.71 17.72
C ASN B 128 -12.70 20.94 16.32
N GLY B 129 -13.11 19.86 15.64
CA GLY B 129 -13.86 19.98 14.40
C GLY B 129 -13.07 20.41 13.19
N LYS B 130 -11.74 20.24 13.25
CA LYS B 130 -10.87 20.59 12.12
C LYS B 130 -10.31 19.33 11.49
N LEU B 131 -10.05 19.41 10.20
CA LEU B 131 -9.59 18.25 9.43
C LEU B 131 -8.24 17.80 9.94
N THR B 132 -8.07 16.48 10.02
CA THR B 132 -6.78 15.87 10.27
C THR B 132 -6.00 15.87 8.96
N ALA B 133 -4.76 15.39 9.01
CA ALA B 133 -3.97 15.16 7.80
C ALA B 133 -4.70 14.26 6.81
N SER B 134 -5.36 13.23 7.34
CA SER B 134 -6.12 12.31 6.52
C SER B 134 -7.41 12.96 6.03
N GLY B 135 -8.05 13.75 6.88
CA GLY B 135 -9.25 14.52 6.48
C GLY B 135 -8.98 15.54 5.38
N LYS B 136 -7.76 16.09 5.37
CA LYS B 136 -7.36 16.99 4.30
C LYS B 136 -7.23 16.24 2.99
N GLY B 137 -6.94 14.93 3.06
CA GLY B 137 -7.00 14.05 1.91
C GLY B 137 -8.26 14.10 1.06
N LEU B 138 -9.41 14.37 1.69
CA LEU B 138 -10.72 14.54 0.99
C LEU B 138 -10.77 15.73 0.05
N LEU B 139 -9.95 16.75 0.32
CA LEU B 139 -9.98 17.99 -0.46
C LEU B 139 -9.45 17.75 -1.85
N VAL B 140 -10.03 18.45 -2.83
CA VAL B 140 -9.52 18.44 -4.20
C VAL B 140 -9.37 19.93 -4.60
N PRO B 141 -8.27 20.57 -4.17
CA PRO B 141 -8.09 22.01 -4.35
C PRO B 141 -7.97 22.49 -5.80
N HIS B 142 -7.51 21.64 -6.72
CA HIS B 142 -7.20 22.10 -8.09
C HIS B 142 -8.07 21.52 -9.19
N ALA B 143 -9.35 21.38 -8.88
CA ALA B 143 -10.34 21.00 -9.84
C ALA B 143 -11.67 21.52 -9.35
N ASN B 144 -12.66 21.57 -10.21
CA ASN B 144 -13.91 22.20 -9.86
C ASN B 144 -14.92 21.22 -9.24
N TRP B 145 -15.75 21.78 -8.36
CA TRP B 145 -16.74 21.06 -7.60
C TRP B 145 -18.11 21.52 -8.04
N GLY B 146 -19.08 20.60 -8.05
CA GLY B 146 -20.44 20.90 -8.54
C GLY B 146 -21.21 19.68 -8.94
N LYS B 147 -22.30 19.90 -9.69
CA LYS B 147 -23.26 18.87 -10.07
C LYS B 147 -23.10 18.41 -11.50
N GLU B 148 -22.18 19.03 -12.23
CA GLU B 148 -22.02 18.72 -13.64
C GLU B 148 -21.00 17.61 -13.79
N ASN B 149 -21.08 16.89 -14.90
CA ASN B 149 -20.19 15.77 -15.17
C ASN B 149 -18.74 16.19 -15.08
N GLY B 150 -17.94 15.36 -14.42
CA GLY B 150 -16.54 15.63 -14.23
C GLY B 150 -16.21 16.49 -13.04
N ASN B 151 -17.20 17.17 -12.44
CA ASN B 151 -16.98 17.91 -11.19
C ASN B 151 -16.83 16.95 -10.01
N TYR B 152 -16.06 17.38 -9.02
CA TYR B 152 -15.98 16.68 -7.78
C TYR B 152 -17.19 17.05 -6.93
N ALA B 153 -17.59 16.12 -6.08
CA ALA B 153 -18.67 16.39 -5.13
C ALA B 153 -18.61 15.31 -4.06
N PHE B 154 -19.36 15.52 -2.98
CA PHE B 154 -19.66 14.49 -1.99
C PHE B 154 -21.19 14.24 -2.02
N LEU B 155 -21.60 12.98 -2.01
CA LEU B 155 -23.00 12.61 -1.88
C LEU B 155 -23.17 11.96 -0.53
N LEU B 156 -24.05 12.51 0.29
CA LEU B 156 -24.39 11.97 1.58
C LEU B 156 -25.75 11.34 1.51
N VAL B 157 -25.83 10.07 1.88
CA VAL B 157 -27.09 9.37 1.98
C VAL B 157 -27.25 8.94 3.42
N ASN B 158 -28.31 9.42 4.07
CA ASN B 158 -28.64 8.98 5.43
C ASN B 158 -28.63 7.46 5.51
N ALA B 159 -27.94 6.89 6.49
CA ALA B 159 -28.04 5.48 6.78
C ALA B 159 -29.19 5.28 7.75
N SER B 160 -30.39 5.59 7.25
CA SER B 160 -31.65 5.28 7.90
C SER B 160 -31.80 3.77 7.88
N ALA B 161 -32.72 3.25 8.69
CA ALA B 161 -33.02 1.82 8.68
C ALA B 161 -33.35 1.37 7.25
N GLU B 162 -34.11 2.18 6.55
CA GLU B 162 -34.56 1.84 5.19
C GLU B 162 -33.38 1.76 4.20
N ASN B 163 -32.46 2.72 4.27
CA ASN B 163 -31.27 2.69 3.40
C ASN B 163 -30.28 1.56 3.73
N ILE B 164 -30.18 1.22 5.01
CA ILE B 164 -29.32 0.14 5.42
C ILE B 164 -29.88 -1.14 4.87
N ILE B 165 -31.19 -1.32 4.99
CA ILE B 165 -31.88 -2.53 4.49
C ILE B 165 -31.76 -2.63 2.97
N HIS B 166 -32.00 -1.52 2.26
CA HIS B 166 -31.82 -1.54 0.80
C HIS B 166 -30.40 -1.90 0.40
N ALA B 167 -29.41 -1.33 1.09
CA ALA B 167 -28.00 -1.61 0.75
C ALA B 167 -27.67 -3.09 0.94
N ALA B 168 -28.10 -3.63 2.09
CA ALA B 168 -27.91 -5.02 2.44
C ALA B 168 -28.53 -5.95 1.41
N ASN B 169 -29.78 -5.69 1.06
CA ASN B 169 -30.49 -6.55 0.09
C ASN B 169 -29.86 -6.46 -1.30
N PHE B 170 -29.58 -5.23 -1.72
CA PHE B 170 -28.93 -4.98 -3.00
C PHE B 170 -27.63 -5.80 -3.14
N VAL B 171 -26.75 -5.71 -2.16
CA VAL B 171 -25.47 -6.42 -2.19
C VAL B 171 -25.71 -7.92 -2.22
N TYR B 172 -26.60 -8.40 -1.35
CA TYR B 172 -26.89 -9.83 -1.26
C TYR B 172 -27.35 -10.40 -2.60
N ILE B 173 -28.33 -9.74 -3.21
CA ILE B 173 -28.87 -10.18 -4.51
C ILE B 173 -27.86 -9.95 -5.66
N LEU B 174 -27.14 -8.84 -5.64
CA LEU B 174 -26.10 -8.64 -6.65
C LEU B 174 -25.11 -9.81 -6.68
N ARG B 175 -24.56 -10.14 -5.51
CA ARG B 175 -23.58 -11.20 -5.37
C ARG B 175 -24.08 -12.59 -5.71
N THR B 176 -25.31 -12.90 -5.31
CA THR B 176 -25.88 -14.23 -5.53
C THR B 176 -26.57 -14.32 -6.88
N GLN B 177 -26.90 -13.18 -7.51
CA GLN B 177 -27.58 -13.21 -8.82
C GLN B 177 -26.92 -12.21 -9.73
N ASN B 178 -27.46 -11.00 -9.87
CA ASN B 178 -26.86 -9.93 -10.65
C ASN B 178 -27.48 -8.60 -10.28
N GLU B 179 -26.95 -7.53 -10.86
CA GLU B 179 -27.38 -6.15 -10.60
C GLU B 179 -28.88 -5.91 -10.89
N VAL B 180 -29.38 -6.50 -11.99
CA VAL B 180 -30.76 -6.24 -12.43
C VAL B 180 -31.73 -6.83 -11.42
N ALA B 181 -31.49 -8.09 -11.05
CA ALA B 181 -32.28 -8.76 -10.03
C ALA B 181 -32.21 -8.01 -8.67
N ALA B 182 -31.10 -7.36 -8.38
CA ALA B 182 -30.93 -6.66 -7.08
C ALA B 182 -31.74 -5.36 -7.04
N ILE B 183 -31.76 -4.64 -8.15
CA ILE B 183 -32.60 -3.46 -8.32
C ILE B 183 -34.09 -3.81 -8.16
N GLU B 184 -34.51 -4.90 -8.80
CA GLU B 184 -35.90 -5.38 -8.75
C GLU B 184 -36.29 -5.90 -7.38
N TYR B 185 -35.37 -6.56 -6.69
CA TYR B 185 -35.60 -7.00 -5.32
C TYR B 185 -35.83 -5.81 -4.41
N CYS B 186 -34.96 -4.80 -4.50
CA CYS B 186 -35.06 -3.61 -3.67
C CYS B 186 -36.30 -2.77 -3.93
N ALA B 187 -36.82 -2.81 -5.16
CA ALA B 187 -38.08 -2.15 -5.48
C ALA B 187 -39.27 -2.84 -4.77
N LEU B 188 -39.27 -4.18 -4.71
CA LEU B 188 -40.39 -4.95 -4.14
C LEU B 188 -40.35 -5.16 -2.63
N ASN B 189 -39.16 -5.11 -2.04
CA ASN B 189 -38.97 -5.47 -0.64
C ASN B 189 -38.45 -4.31 0.20
N HIS B 190 -38.89 -4.25 1.46
CA HIS B 190 -38.38 -3.27 2.41
C HIS B 190 -37.83 -3.86 3.72
N GLU B 191 -37.75 -5.18 3.83
CA GLU B 191 -37.26 -5.85 5.04
C GLU B 191 -35.99 -6.59 4.65
N PHE B 192 -35.09 -6.81 5.60
CA PHE B 192 -33.87 -7.59 5.35
C PHE B 192 -34.21 -8.92 4.69
N HIS B 193 -33.47 -9.27 3.64
CA HIS B 193 -33.57 -10.58 3.02
C HIS B 193 -33.41 -11.65 4.11
N PRO B 194 -34.23 -12.73 4.08
CA PRO B 194 -34.19 -13.79 5.12
C PRO B 194 -32.82 -14.46 5.36
N GLU B 195 -32.02 -14.55 4.32
CA GLU B 195 -30.66 -15.08 4.37
C GLU B 195 -29.59 -14.12 4.92
N ILE B 196 -29.97 -12.89 5.29
CA ILE B 196 -29.06 -12.01 5.97
C ILE B 196 -29.38 -12.16 7.47
N LYS B 197 -28.56 -12.93 8.18
CA LYS B 197 -28.83 -13.14 9.60
C LYS B 197 -28.45 -11.92 10.44
N ARG B 198 -29.40 -11.48 11.23
CA ARG B 198 -29.21 -10.42 12.18
C ARG B 198 -29.14 -10.99 13.59
N THR B 199 -28.30 -10.42 14.41
CA THR B 199 -28.24 -10.77 15.81
C THR B 199 -28.17 -9.45 16.54
N ALA B 200 -29.06 -9.28 17.51
CA ALA B 200 -29.13 -8.04 18.26
C ALA B 200 -27.83 -7.82 19.04
N ARG B 201 -27.45 -6.56 19.17
CA ARG B 201 -26.32 -6.16 19.98
C ARG B 201 -26.63 -4.83 20.67
N ALA B 202 -25.88 -4.52 21.71
CA ALA B 202 -26.01 -3.24 22.42
C ALA B 202 -25.55 -2.06 21.56
N LYS B 203 -26.19 -0.91 21.76
CA LYS B 203 -25.79 0.37 21.15
C LYS B 203 -26.00 1.53 22.13
N MET C 6 48.91 -21.66 20.54
CA MET C 6 48.48 -20.47 19.73
C MET C 6 46.94 -20.44 19.63
N GLN C 7 46.31 -19.91 20.67
CA GLN C 7 44.84 -19.86 20.81
C GLN C 7 44.39 -18.53 21.42
N VAL C 10 39.40 -14.16 14.81
CA VAL C 10 38.63 -13.97 13.59
C VAL C 10 37.44 -13.01 13.85
N LYS C 11 37.33 -11.96 13.03
CA LYS C 11 36.38 -10.84 13.23
C LYS C 11 35.30 -10.74 12.12
N THR C 12 34.03 -10.88 12.50
CA THR C 12 32.92 -11.02 11.53
C THR C 12 32.37 -9.69 10.98
N LEU C 13 31.43 -9.78 10.04
CA LEU C 13 30.77 -8.62 9.41
C LEU C 13 30.09 -7.64 10.39
N THR C 14 29.65 -8.14 11.55
CA THR C 14 29.06 -7.30 12.61
C THR C 14 30.10 -6.55 13.48
N GLY C 15 31.23 -7.21 13.76
CA GLY C 15 32.14 -6.80 14.84
C GLY C 15 32.49 -7.94 15.80
N LYS C 16 31.72 -9.03 15.75
CA LYS C 16 31.89 -10.19 16.66
C LYS C 16 33.27 -10.85 16.45
N THR C 17 33.94 -11.20 17.55
CA THR C 17 35.32 -11.75 17.51
C THR C 17 35.33 -13.26 17.72
N THR C 19 38.69 -15.00 18.42
CA THR C 19 39.92 -15.73 18.70
C THR C 19 39.61 -17.22 18.82
N LEU C 20 40.32 -18.04 18.05
CA LEU C 20 40.02 -19.47 17.91
C LEU C 20 40.74 -20.29 18.98
N VAL C 22 44.96 -22.94 17.40
CA VAL C 22 45.29 -22.80 15.99
C VAL C 22 46.80 -22.83 15.77
N GLU C 23 47.33 -23.98 15.34
CA GLU C 23 48.77 -24.15 15.08
C GLU C 23 49.20 -23.33 13.84
N PRO C 24 50.52 -23.01 13.75
CA PRO C 24 51.00 -22.28 12.56
C PRO C 24 50.92 -23.08 11.24
N SER C 25 51.00 -24.42 11.35
CA SER C 25 50.86 -25.32 10.21
C SER C 25 49.41 -25.75 9.90
N ASP C 26 48.43 -25.18 10.59
CA ASP C 26 47.02 -25.36 10.23
C ASP C 26 46.76 -24.72 8.87
N THR C 27 46.04 -25.46 8.02
CA THR C 27 45.56 -24.92 6.74
C THR C 27 44.42 -23.90 6.96
N ILE C 28 44.12 -23.13 5.92
CA ILE C 28 43.02 -22.16 5.96
C ILE C 28 41.68 -22.90 6.10
N GLU C 29 41.52 -24.02 5.40
CA GLU C 29 40.29 -24.79 5.49
C GLU C 29 40.08 -25.41 6.88
N ASN C 30 41.17 -25.64 7.61
CA ASN C 30 41.09 -26.14 8.99
C ASN C 30 40.51 -25.08 9.93
N VAL C 31 40.95 -23.82 9.76
CA VAL C 31 40.37 -22.69 10.49
C VAL C 31 38.88 -22.49 10.13
N LYS C 32 38.55 -22.69 8.86
CA LYS C 32 37.16 -22.62 8.41
C LYS C 32 36.30 -23.73 9.04
N ALA C 33 36.89 -24.91 9.22
CA ALA C 33 36.23 -26.02 9.93
C ALA C 33 35.95 -25.67 11.41
N LYS C 34 36.94 -25.06 12.06
CA LYS C 34 36.76 -24.51 13.42
C LYS C 34 35.68 -23.43 13.44
N ILE C 35 35.71 -22.53 12.45
CA ILE C 35 34.67 -21.49 12.32
C ILE C 35 33.28 -22.14 12.15
N GLN C 36 33.19 -23.16 11.28
CA GLN C 36 31.94 -23.87 11.04
C GLN C 36 31.44 -24.57 12.31
N ASP C 37 32.36 -25.22 13.04
CA ASP C 37 32.00 -25.90 14.28
C ASP C 37 31.36 -24.94 15.29
N LYS C 38 31.89 -23.72 15.40
CA LYS C 38 31.34 -22.70 16.33
C LYS C 38 30.15 -21.91 15.76
N GLU C 39 30.23 -21.43 14.52
CA GLU C 39 29.19 -20.54 13.93
C GLU C 39 28.17 -21.21 12.97
N GLY C 40 28.42 -22.45 12.58
CA GLY C 40 27.55 -23.16 11.63
C GLY C 40 27.58 -22.63 10.20
N ILE C 41 28.63 -21.89 9.84
CA ILE C 41 28.79 -21.36 8.49
C ILE C 41 29.58 -22.39 7.69
N PRO C 42 28.98 -22.95 6.62
CA PRO C 42 29.71 -23.89 5.76
C PRO C 42 31.00 -23.29 5.17
N PRO C 43 32.09 -24.07 5.10
CA PRO C 43 33.38 -23.54 4.62
C PRO C 43 33.36 -22.84 3.26
N ASP C 44 32.61 -23.37 2.30
CA ASP C 44 32.52 -22.74 0.96
C ASP C 44 31.69 -21.45 0.88
N GLN C 45 31.08 -21.04 1.99
CA GLN C 45 30.43 -19.73 2.11
C GLN C 45 31.31 -18.67 2.77
N GLN C 46 32.43 -19.10 3.36
CA GLN C 46 33.31 -18.21 4.12
C GLN C 46 34.41 -17.66 3.24
N ARG C 47 34.66 -16.35 3.37
CA ARG C 47 35.85 -15.70 2.82
C ARG C 47 36.67 -15.11 3.97
N LEU C 48 37.89 -15.60 4.14
CA LEU C 48 38.77 -15.04 5.15
C LEU C 48 39.72 -14.07 4.47
N ILE C 49 39.79 -12.84 5.02
CA ILE C 49 40.65 -11.75 4.54
C ILE C 49 41.72 -11.42 5.60
N PHE C 50 42.97 -11.36 5.16
CA PHE C 50 44.13 -10.87 5.95
C PHE C 50 45.07 -10.07 5.04
N ALA C 51 45.58 -8.95 5.57
CA ALA C 51 46.33 -7.96 4.78
C ALA C 51 45.52 -7.44 3.57
N GLY C 52 44.20 -7.33 3.77
CA GLY C 52 43.28 -6.89 2.72
C GLY C 52 43.17 -7.81 1.51
N LYS C 53 43.58 -9.08 1.63
CA LYS C 53 43.55 -10.04 0.53
C LYS C 53 42.85 -11.32 0.94
N GLN C 54 42.15 -11.97 0.02
CA GLN C 54 41.48 -13.22 0.32
C GLN C 54 42.47 -14.39 0.32
N LEU C 55 42.40 -15.21 1.36
CA LEU C 55 43.31 -16.34 1.56
C LEU C 55 42.69 -17.60 0.99
N GLU C 56 43.51 -18.43 0.32
CA GLU C 56 43.01 -19.66 -0.29
C GLU C 56 43.05 -20.83 0.69
N ASP C 57 42.10 -21.74 0.53
CA ASP C 57 41.97 -22.91 1.43
C ASP C 57 43.19 -23.82 1.44
N GLY C 58 43.92 -23.89 0.33
CA GLY C 58 45.07 -24.79 0.19
C GLY C 58 46.26 -24.41 1.01
N ARG C 59 46.57 -23.12 1.08
CA ARG C 59 47.75 -22.65 1.81
C ARG C 59 47.56 -22.75 3.34
N THR C 60 48.70 -22.73 4.04
CA THR C 60 48.72 -22.70 5.50
C THR C 60 48.77 -21.23 5.95
N LEU C 61 48.70 -21.04 7.27
CA LEU C 61 48.86 -19.72 7.88
C LEU C 61 50.30 -19.18 7.74
N SER C 62 51.27 -20.07 7.53
CA SER C 62 52.69 -19.70 7.37
C SER C 62 53.05 -19.14 5.97
N ASP C 63 52.25 -19.38 4.94
CA ASP C 63 52.39 -18.68 3.65
C ASP C 63 51.99 -17.21 3.79
N TYR C 64 51.04 -16.95 4.69
CA TYR C 64 50.45 -15.63 4.90
C TYR C 64 50.91 -14.89 6.18
N ASN C 65 51.99 -15.37 6.80
CA ASN C 65 52.56 -14.84 8.08
C ASN C 65 51.57 -14.36 9.17
N ILE C 66 50.70 -15.28 9.61
CA ILE C 66 49.69 -14.98 10.63
C ILE C 66 50.20 -15.30 12.04
N GLN C 67 50.31 -14.25 12.87
CA GLN C 67 50.72 -14.36 14.28
C GLN C 67 49.51 -14.19 15.20
N THR C 71 44.75 -11.18 13.54
CA THR C 71 43.37 -11.65 13.36
C THR C 71 42.87 -11.45 11.93
N LEU C 72 41.83 -12.21 11.61
CA LEU C 72 41.31 -12.35 10.25
C LEU C 72 39.91 -11.71 10.13
N HIS C 73 39.58 -11.20 8.95
CA HIS C 73 38.22 -10.69 8.67
C HIS C 73 37.39 -11.72 7.91
N LEU C 74 36.24 -12.10 8.47
CA LEU C 74 35.34 -13.06 7.83
C LEU C 74 34.28 -12.31 7.02
N VAL C 75 34.18 -12.62 5.74
CA VAL C 75 33.13 -12.12 4.86
C VAL C 75 32.40 -13.32 4.26
N LEU C 76 31.09 -13.19 4.07
CA LEU C 76 30.28 -14.27 3.51
C LEU C 76 30.05 -14.09 2.01
N ARG C 77 29.98 -15.22 1.30
CA ARG C 77 29.62 -15.24 -0.13
C ARG C 77 28.26 -14.54 -0.27
N LEU C 78 28.17 -13.56 -1.18
CA LEU C 78 26.97 -12.72 -1.27
C LEU C 78 25.78 -13.50 -1.86
N ARG C 79 24.60 -13.30 -1.26
CA ARG C 79 23.36 -13.86 -1.77
C ARG C 79 22.36 -12.74 -1.97
N SER C 80 21.51 -12.92 -2.98
CA SER C 80 20.55 -11.91 -3.35
C SER C 80 19.40 -11.87 -2.34
N SER C 81 19.07 -10.68 -1.84
CA SER C 81 17.94 -10.51 -0.94
C SER C 81 17.10 -9.33 -1.36
N MET C 82 15.92 -9.22 -0.77
CA MET C 82 15.01 -8.11 -1.05
C MET C 82 13.99 -7.98 0.06
N GLN C 83 13.34 -6.83 0.14
CA GLN C 83 12.14 -6.69 0.95
C GLN C 83 10.87 -6.91 0.16
N ILE C 84 9.90 -7.55 0.79
CA ILE C 84 8.53 -7.60 0.31
C ILE C 84 7.60 -7.22 1.45
N PHE C 85 6.37 -6.90 1.07
CA PHE C 85 5.36 -6.41 1.97
C PHE C 85 4.21 -7.40 1.96
N VAL C 86 3.56 -7.55 3.11
CA VAL C 86 2.41 -8.42 3.24
C VAL C 86 1.35 -7.63 4.00
N LYS C 87 0.18 -7.47 3.40
CA LYS C 87 -0.90 -6.70 4.02
C LYS C 87 -1.88 -7.63 4.70
N THR C 88 -2.27 -7.26 5.91
CA THR C 88 -3.26 -8.01 6.68
C THR C 88 -4.65 -7.42 6.49
N LEU C 89 -5.65 -8.16 6.96
CA LEU C 89 -7.03 -7.72 6.89
C LEU C 89 -7.27 -6.42 7.65
N THR C 90 -6.44 -6.08 8.63
CA THR C 90 -6.56 -4.76 9.30
C THR C 90 -5.91 -3.62 8.51
N GLY C 91 -5.24 -3.92 7.39
CA GLY C 91 -4.43 -2.93 6.66
C GLY C 91 -3.03 -2.73 7.20
N LYS C 92 -2.63 -3.52 8.21
CA LYS C 92 -1.27 -3.49 8.71
C LYS C 92 -0.37 -3.99 7.59
N THR C 93 0.79 -3.35 7.43
CA THR C 93 1.83 -3.80 6.49
C THR C 93 2.99 -4.47 7.21
N ILE C 94 3.26 -5.72 6.84
CA ILE C 94 4.36 -6.49 7.37
C ILE C 94 5.49 -6.37 6.35
N THR C 95 6.69 -6.05 6.81
CA THR C 95 7.82 -5.96 5.91
C THR C 95 8.72 -7.14 6.20
N LEU C 96 9.05 -7.93 5.18
CA LEU C 96 9.92 -9.10 5.33
C LEU C 96 11.22 -9.03 4.52
N GLU C 97 12.29 -9.57 5.09
CA GLU C 97 13.55 -9.74 4.35
C GLU C 97 13.57 -11.16 3.78
N VAL C 98 13.60 -11.26 2.46
CA VAL C 98 13.47 -12.54 1.79
C VAL C 98 14.49 -12.66 0.67
N GLU C 99 14.60 -13.89 0.17
CA GLU C 99 15.38 -14.19 -1.02
C GLU C 99 14.43 -14.73 -2.07
N PRO C 100 14.70 -14.50 -3.36
CA PRO C 100 13.80 -15.06 -4.38
C PRO C 100 13.59 -16.59 -4.30
N SER C 101 14.62 -17.32 -3.88
CA SER C 101 14.50 -18.78 -3.72
C SER C 101 13.70 -19.26 -2.49
N ASP C 102 13.32 -18.35 -1.59
CA ASP C 102 12.49 -18.71 -0.44
C ASP C 102 11.19 -19.36 -0.87
N THR C 103 10.81 -20.46 -0.21
CA THR C 103 9.52 -21.06 -0.48
C THR C 103 8.45 -20.23 0.23
N ILE C 104 7.23 -20.43 -0.21
CA ILE C 104 6.08 -19.83 0.45
C ILE C 104 6.03 -20.26 1.91
N GLU C 105 6.40 -21.52 2.20
CA GLU C 105 6.50 -21.99 3.58
C GLU C 105 7.49 -21.14 4.37
N ASN C 106 8.66 -20.87 3.79
CA ASN C 106 9.67 -19.96 4.41
C ASN C 106 9.14 -18.54 4.71
N VAL C 107 8.35 -18.02 3.77
CA VAL C 107 7.71 -16.72 3.92
C VAL C 107 6.72 -16.73 5.08
N LYS C 108 5.88 -17.77 5.13
CA LYS C 108 4.98 -17.96 6.26
C LYS C 108 5.72 -18.04 7.62
N ALA C 109 6.86 -18.68 7.64
CA ALA C 109 7.63 -18.75 8.86
C ALA C 109 8.18 -17.35 9.27
N LYS C 110 8.55 -16.54 8.29
CA LYS C 110 8.97 -15.15 8.58
C LYS C 110 7.79 -14.30 9.06
N ILE C 111 6.60 -14.54 8.53
CA ILE C 111 5.38 -13.86 9.01
C ILE C 111 5.05 -14.28 10.44
N GLN C 112 5.21 -15.56 10.75
CA GLN C 112 5.05 -16.05 12.13
C GLN C 112 6.00 -15.30 13.06
N ASP C 113 7.24 -15.08 12.61
CA ASP C 113 8.20 -14.33 13.43
C ASP C 113 7.72 -12.94 13.76
N LYS C 114 7.09 -12.29 12.79
CA LYS C 114 6.57 -10.93 12.97
C LYS C 114 5.21 -10.88 13.65
N GLU C 115 4.33 -11.83 13.40
CA GLU C 115 2.93 -11.73 13.84
C GLU C 115 2.42 -12.78 14.83
N GLY C 116 3.20 -13.82 15.10
CA GLY C 116 2.77 -14.89 15.99
C GLY C 116 1.74 -15.85 15.43
N ILE C 117 1.44 -15.77 14.14
CA ILE C 117 0.42 -16.60 13.50
C ILE C 117 1.11 -17.86 12.97
N PRO C 118 0.69 -19.06 13.43
CA PRO C 118 1.33 -20.27 12.91
C PRO C 118 1.14 -20.39 11.39
N PRO C 119 2.11 -20.95 10.67
CA PRO C 119 1.98 -21.04 9.22
C PRO C 119 0.74 -21.77 8.73
N ASP C 120 0.27 -22.78 9.46
CA ASP C 120 -0.91 -23.53 9.02
C ASP C 120 -2.20 -22.69 9.05
N GLN C 121 -2.20 -21.54 9.74
CA GLN C 121 -3.34 -20.62 9.77
C GLN C 121 -3.19 -19.46 8.77
N GLN C 122 -2.09 -19.43 8.01
CA GLN C 122 -1.84 -18.37 7.03
C GLN C 122 -2.20 -18.81 5.63
N ARG C 123 -2.90 -17.94 4.92
CA ARG C 123 -3.03 -18.08 3.49
C ARG C 123 -2.51 -16.78 2.86
N LEU C 124 -1.71 -16.93 1.83
CA LEU C 124 -1.12 -15.81 1.13
C LEU C 124 -1.62 -15.72 -0.28
N ILE C 125 -1.78 -14.47 -0.73
CA ILE C 125 -2.34 -14.16 -2.02
C ILE C 125 -1.44 -13.13 -2.70
N PHE C 126 -1.10 -13.35 -3.98
CA PHE C 126 -0.42 -12.37 -4.81
C PHE C 126 -1.10 -12.23 -6.16
N ALA C 127 -1.46 -11.00 -6.51
CA ALA C 127 -2.15 -10.66 -7.77
C ALA C 127 -3.41 -11.51 -7.86
N GLY C 128 -4.20 -11.46 -6.78
CA GLY C 128 -5.41 -12.26 -6.66
C GLY C 128 -5.26 -13.77 -6.61
N LYS C 129 -4.04 -14.29 -6.76
CA LYS C 129 -3.80 -15.72 -6.87
C LYS C 129 -3.22 -16.30 -5.55
N GLN C 130 -3.74 -17.47 -5.18
CA GLN C 130 -3.34 -18.16 -3.96
C GLN C 130 -1.95 -18.76 -4.15
N LEU C 131 -1.07 -18.57 -3.16
CA LEU C 131 0.30 -19.08 -3.23
C LEU C 131 0.41 -20.41 -2.50
N GLU C 132 1.04 -21.40 -3.12
CA GLU C 132 1.20 -22.75 -2.53
C GLU C 132 2.53 -22.91 -1.83
N ASP C 133 2.49 -23.65 -0.71
CA ASP C 133 3.63 -23.76 0.24
C ASP C 133 4.96 -24.21 -0.36
N GLY C 134 4.92 -25.17 -1.28
CA GLY C 134 6.13 -25.75 -1.86
C GLY C 134 6.79 -24.90 -2.96
N ARG C 135 6.09 -23.92 -3.50
CA ARG C 135 6.66 -23.07 -4.54
C ARG C 135 7.47 -21.91 -3.95
N THR C 136 8.20 -21.20 -4.81
CA THR C 136 9.11 -20.14 -4.40
C THR C 136 8.58 -18.77 -4.79
N LEU C 137 9.13 -17.73 -4.18
CA LEU C 137 8.78 -16.35 -4.55
C LEU C 137 9.07 -16.13 -6.02
N SER C 138 10.20 -16.66 -6.46
CA SER C 138 10.62 -16.67 -7.87
C SER C 138 9.57 -17.30 -8.82
N ASP C 139 8.96 -18.42 -8.42
CA ASP C 139 7.90 -19.07 -9.24
C ASP C 139 6.72 -18.17 -9.50
N TYR C 140 6.40 -17.31 -8.54
CA TYR C 140 5.29 -16.37 -8.70
C TYR C 140 5.73 -15.01 -9.21
N ASN C 141 7.02 -14.87 -9.57
CA ASN C 141 7.57 -13.59 -9.97
C ASN C 141 7.37 -12.48 -8.92
N ILE C 142 7.46 -12.85 -7.65
CA ILE C 142 7.46 -11.88 -6.56
C ILE C 142 8.87 -11.30 -6.50
N GLN C 143 8.95 -9.97 -6.58
CA GLN C 143 10.20 -9.24 -6.69
C GLN C 143 10.25 -8.22 -5.56
N LYS C 144 11.32 -7.44 -5.54
CA LYS C 144 11.49 -6.45 -4.49
C LYS C 144 10.33 -5.49 -4.46
N GLU C 145 9.90 -5.18 -3.25
CA GLU C 145 8.77 -4.28 -3.02
C GLU C 145 7.39 -4.76 -3.56
N SER C 146 7.26 -6.03 -3.94
CA SER C 146 5.96 -6.64 -4.20
C SER C 146 5.16 -6.70 -2.93
N THR C 147 3.84 -6.64 -3.06
CA THR C 147 2.94 -6.67 -1.92
C THR C 147 2.03 -7.91 -2.02
N LEU C 148 2.05 -8.71 -0.97
CA LEU C 148 1.21 -9.88 -0.86
C LEU C 148 0.09 -9.54 0.12
N HIS C 149 -0.95 -10.36 0.17
CA HIS C 149 -2.04 -10.21 1.15
C HIS C 149 -2.14 -11.43 2.01
N LEU C 150 -2.19 -11.23 3.34
CA LEU C 150 -2.33 -12.29 4.33
C LEU C 150 -3.79 -12.42 4.72
N VAL C 151 -4.31 -13.63 4.56
CA VAL C 151 -5.65 -13.99 4.97
C VAL C 151 -5.51 -15.17 5.95
N LEU C 152 -6.17 -15.05 7.11
CA LEU C 152 -6.23 -16.11 8.14
C LEU C 152 -7.29 -17.15 7.83
N ARG C 153 -6.99 -18.40 8.16
CA ARG C 153 -7.97 -19.48 8.21
C ARG C 153 -8.72 -19.42 9.54
N ASN D 17 20.20 -0.21 -8.47
CA ASN D 17 19.90 1.22 -8.23
C ASN D 17 19.72 1.57 -6.75
N CYS D 18 19.08 0.68 -5.98
CA CYS D 18 18.82 0.93 -4.55
C CYS D 18 20.09 1.37 -3.81
N ALA D 19 21.13 0.54 -3.91
CA ALA D 19 22.37 0.80 -3.19
C ALA D 19 22.91 2.18 -3.56
N GLU D 20 22.98 2.45 -4.85
CA GLU D 20 23.43 3.76 -5.32
C GLU D 20 22.62 4.89 -4.68
N MSE D 21 21.28 4.76 -4.67
CA MSE D 21 20.39 5.83 -4.18
C MSE D 21 20.48 6.09 -2.70
O MSE D 21 20.38 7.22 -2.26
CB MSE D 21 18.93 5.53 -4.55
CG MSE D 21 18.69 5.56 -6.07
SE MSE D 21 18.84 7.35 -6.84
CE MSE D 21 17.45 8.31 -5.83
N MSE D 22 20.64 5.02 -1.92
CA MSE D 22 20.94 5.14 -0.49
C MSE D 22 22.23 5.85 -0.22
O MSE D 22 22.32 6.69 0.69
CB MSE D 22 21.19 3.77 0.12
CG MSE D 22 19.93 3.05 0.45
SE MSE D 22 20.60 1.33 1.10
CE MSE D 22 22.20 1.67 2.14
N ILE D 23 23.27 5.43 -0.95
CA ILE D 23 24.60 6.00 -0.79
C ILE D 23 24.57 7.47 -1.20
N LYS D 24 23.84 7.83 -2.26
CA LYS D 24 23.72 9.26 -2.62
C LYS D 24 23.02 10.06 -1.53
N LYS D 25 22.00 9.49 -0.90
CA LYS D 25 21.32 10.13 0.23
C LYS D 25 22.31 10.40 1.37
N ALA D 26 23.06 9.38 1.76
CA ALA D 26 24.11 9.52 2.77
C ALA D 26 25.17 10.56 2.36
N ALA D 27 25.58 10.51 1.10
CA ALA D 27 26.55 11.48 0.57
C ALA D 27 26.03 12.92 0.69
N GLN D 28 24.76 13.13 0.35
CA GLN D 28 24.11 14.44 0.47
C GLN D 28 24.15 14.99 1.88
N LEU D 29 23.64 14.20 2.82
CA LEU D 29 23.47 14.65 4.18
C LEU D 29 24.77 14.77 4.98
N ILE D 30 25.77 13.96 4.67
CA ILE D 30 27.02 13.98 5.45
C ILE D 30 28.16 14.71 4.75
N LEU D 31 28.28 14.54 3.42
CA LEU D 31 29.38 15.17 2.64
C LEU D 31 28.97 16.42 1.85
N GLY D 32 27.69 16.75 1.87
CA GLY D 32 27.18 17.93 1.18
C GLY D 32 27.33 17.87 -0.32
N SER D 33 27.22 16.67 -0.89
CA SER D 33 27.39 16.50 -2.34
C SER D 33 26.68 15.26 -2.86
N ASP D 34 26.17 15.36 -4.09
CA ASP D 34 25.60 14.20 -4.76
C ASP D 34 26.70 13.45 -5.49
N LEU D 35 26.40 12.20 -5.84
CA LEU D 35 27.28 11.31 -6.58
C LEU D 35 26.56 10.82 -7.83
N ASP D 36 27.29 10.57 -8.91
CA ASP D 36 26.75 9.98 -10.12
C ASP D 36 27.60 8.78 -10.50
N PHE D 37 27.05 7.59 -10.35
CA PHE D 37 27.78 6.36 -10.64
C PHE D 37 27.73 6.10 -12.16
N GLU D 38 28.78 6.52 -12.86
CA GLU D 38 28.77 6.52 -14.34
C GLU D 38 29.18 5.15 -14.89
N TYR D 39 28.19 4.35 -15.27
CA TYR D 39 28.41 3.01 -15.82
C TYR D 39 28.32 3.00 -17.34
N THR D 40 29.29 2.38 -18.01
CA THR D 40 29.32 2.30 -19.48
C THR D 40 29.13 0.85 -19.95
N ARG D 41 30.11 -0.01 -19.67
CA ARG D 41 30.10 -1.43 -20.08
C ARG D 41 29.07 -2.28 -19.28
N GLY D 42 28.97 -3.56 -19.65
CA GLY D 42 27.96 -4.49 -19.11
C GLY D 42 27.82 -4.55 -17.60
N ILE D 43 26.70 -4.02 -17.09
CA ILE D 43 26.47 -3.87 -15.64
C ILE D 43 25.93 -5.16 -15.01
N GLN D 44 26.53 -5.53 -13.87
CA GLN D 44 26.00 -6.60 -13.03
C GLN D 44 24.84 -6.00 -12.23
N ASP D 45 23.62 -6.24 -12.72
CA ASP D 45 22.39 -5.71 -12.13
C ASP D 45 21.89 -6.75 -11.11
N ILE D 46 22.39 -6.62 -9.88
CA ILE D 46 22.10 -7.55 -8.77
C ILE D 46 21.99 -6.75 -7.46
N GLN D 47 21.07 -7.16 -6.59
CA GLN D 47 20.97 -6.56 -5.26
C GLN D 47 22.32 -6.68 -4.55
N VAL D 48 22.73 -5.60 -3.89
CA VAL D 48 24.04 -5.50 -3.27
C VAL D 48 23.97 -5.52 -1.75
N ASP D 49 24.58 -6.54 -1.15
CA ASP D 49 24.77 -6.57 0.29
C ASP D 49 26.01 -5.72 0.55
N LEU D 50 25.81 -4.59 1.22
CA LEU D 50 26.88 -3.66 1.56
C LEU D 50 27.83 -4.19 2.65
N GLY D 51 27.44 -5.26 3.35
CA GLY D 51 28.20 -5.75 4.50
C GLY D 51 29.72 -5.68 4.37
N PRO D 52 30.28 -6.34 3.33
CA PRO D 52 31.73 -6.41 3.11
C PRO D 52 32.41 -5.06 2.97
N ALA D 53 31.70 -4.08 2.42
CA ALA D 53 32.21 -2.72 2.30
C ALA D 53 32.60 -2.08 3.63
N PHE D 54 32.01 -2.57 4.73
CA PHE D 54 32.26 -1.98 6.06
C PHE D 54 33.17 -2.80 6.97
N MSE D 55 33.83 -3.81 6.40
CA MSE D 55 34.82 -4.63 7.11
C MSE D 55 35.99 -3.83 7.62
O MSE D 55 36.59 -4.18 8.62
CB MSE D 55 35.24 -5.64 6.06
CG MSE D 55 36.32 -6.64 6.41
SE MSE D 55 37.32 -7.06 4.77
CE MSE D 55 35.91 -7.06 3.38
N PHE D 56 36.32 -2.75 6.90
CA PHE D 56 37.41 -1.84 7.26
C PHE D 56 36.97 -0.69 8.15
N SER D 57 35.69 -0.62 8.50
CA SER D 57 35.18 0.42 9.38
C SER D 57 35.82 0.28 10.76
N PRO D 58 36.02 1.42 11.46
CA PRO D 58 36.45 1.31 12.87
C PRO D 58 35.39 0.67 13.78
N ASP D 59 35.85 0.00 14.83
CA ASP D 59 35.00 -0.71 15.80
C ASP D 59 33.90 0.16 16.43
N GLU D 60 34.25 1.42 16.69
CA GLU D 60 33.32 2.39 17.25
C GLU D 60 32.21 2.80 16.27
N GLU D 61 32.43 2.61 14.97
CA GLU D 61 31.44 2.95 13.94
C GLU D 61 30.50 1.80 13.52
N LYS D 62 30.64 0.62 14.11
CA LYS D 62 29.73 -0.53 13.86
C LYS D 62 29.19 -1.09 15.17
N THR D 63 27.86 -1.16 15.26
CA THR D 63 27.15 -1.54 16.47
C THR D 63 26.07 -2.55 16.10
N LEU D 64 25.99 -3.64 16.86
CA LEU D 64 24.91 -4.62 16.72
C LEU D 64 23.88 -4.36 17.79
N TRP D 65 22.61 -4.18 17.40
CA TRP D 65 21.50 -4.14 18.35
C TRP D 65 20.73 -5.45 18.36
N VAL D 66 20.22 -5.80 19.54
CA VAL D 66 19.45 -7.03 19.73
C VAL D 66 18.09 -6.74 20.39
N SER D 67 17.57 -5.54 20.14
CA SER D 67 16.40 -4.98 20.87
C SER D 67 15.06 -5.07 20.13
N GLY D 68 15.02 -5.69 18.94
CA GLY D 68 13.83 -5.65 18.09
C GLY D 68 12.69 -6.58 18.45
N LYS D 69 12.83 -7.37 19.51
CA LYS D 69 11.73 -8.19 19.98
C LYS D 69 10.67 -7.33 20.66
N ASN D 70 11.02 -6.12 21.08
CA ASN D 70 10.12 -5.32 21.89
C ASN D 70 10.24 -3.83 21.57
N GLN D 71 9.09 -3.15 21.51
CA GLN D 71 8.98 -1.75 21.07
C GLN D 71 9.84 -0.82 21.92
N GLU D 72 9.72 -0.93 23.23
CA GLU D 72 10.40 0.01 24.14
C GLU D 72 11.93 -0.16 24.11
N THR D 73 12.42 -1.39 23.98
CA THR D 73 13.87 -1.63 23.92
C THR D 73 14.45 -1.07 22.62
N LEU D 74 13.69 -1.15 21.52
CA LEU D 74 14.14 -0.59 20.25
C LEU D 74 14.19 0.93 20.34
N GLU D 75 13.13 1.55 20.86
CA GLU D 75 13.06 3.01 21.06
C GLU D 75 14.26 3.50 21.88
N LYS D 76 14.59 2.77 22.93
CA LYS D 76 15.75 3.13 23.74
C LYS D 76 17.06 3.04 22.94
N ASP D 77 17.20 2.01 22.09
CA ASP D 77 18.36 1.92 21.19
C ASP D 77 18.37 3.06 20.18
N LEU D 78 17.21 3.39 19.63
CA LEU D 78 17.10 4.53 18.70
C LEU D 78 17.51 5.85 19.38
N ALA D 79 17.21 6.01 20.68
CA ALA D 79 17.65 7.22 21.44
C ALA D 79 19.16 7.30 21.71
N THR D 80 19.88 6.16 21.64
CA THR D 80 21.34 6.16 21.76
C THR D 80 22.03 6.70 20.51
N LEU D 81 21.32 6.81 19.38
CA LEU D 81 21.93 7.32 18.14
C LEU D 81 22.16 8.82 18.21
N ASN D 82 23.21 9.29 17.55
CA ASN D 82 23.48 10.71 17.39
C ASN D 82 22.59 11.25 16.26
N LYS D 83 21.83 12.29 16.55
CA LYS D 83 20.77 12.79 15.66
C LYS D 83 21.30 13.49 14.42
N SER D 84 22.51 14.02 14.49
CA SER D 84 23.18 14.64 13.35
C SER D 84 23.96 13.65 12.49
N SER D 85 24.08 12.39 12.95
CA SER D 85 24.71 11.32 12.19
C SER D 85 23.70 10.56 11.29
N VAL D 86 24.25 9.95 10.25
CA VAL D 86 23.51 9.08 9.34
C VAL D 86 24.11 7.69 9.52
N TYR D 87 23.27 6.69 9.39
CA TYR D 87 23.69 5.32 9.60
C TYR D 87 23.21 4.46 8.43
N PHE D 88 24.05 3.54 7.96
CA PHE D 88 23.64 2.42 7.18
C PHE D 88 23.09 1.42 8.21
N PHE D 89 21.92 0.87 7.93
CA PHE D 89 21.14 0.11 8.90
C PHE D 89 20.70 -1.16 8.20
N ARG D 90 21.09 -2.32 8.74
CA ARG D 90 20.71 -3.65 8.18
C ARG D 90 19.70 -4.36 9.06
N THR D 91 18.60 -4.75 8.44
CA THR D 91 17.56 -5.53 9.09
C THR D 91 17.59 -6.93 8.56
N GLY D 92 17.11 -7.88 9.35
CA GLY D 92 17.17 -9.29 8.99
C GLY D 92 17.82 -10.18 10.02
N THR D 93 18.19 -11.39 9.60
CA THR D 93 18.75 -12.40 10.46
C THR D 93 20.23 -12.54 10.13
N GLN D 94 20.98 -13.13 11.05
CA GLN D 94 22.44 -13.06 10.95
C GLN D 94 23.05 -13.74 9.71
N GLY D 95 22.74 -14.99 9.45
CA GLY D 95 23.30 -15.63 8.25
C GLY D 95 22.32 -15.70 7.10
N GLY D 96 21.25 -14.94 7.18
CA GLY D 96 20.14 -15.04 6.24
C GLY D 96 19.92 -13.73 5.52
N ALA D 97 18.73 -13.59 4.94
CA ALA D 97 18.41 -12.43 4.11
C ALA D 97 18.52 -11.17 4.93
N GLY D 98 19.17 -10.17 4.37
CA GLY D 98 19.28 -8.89 5.05
C GLY D 98 18.99 -7.77 4.09
N HIS D 99 18.57 -6.66 4.65
CA HIS D 99 18.19 -5.50 3.88
C HIS D 99 18.87 -4.28 4.47
N TRP D 100 19.57 -3.55 3.61
CA TRP D 100 20.27 -2.35 4.01
C TRP D 100 19.43 -1.14 3.67
N GLN D 101 19.39 -0.21 4.60
CA GLN D 101 18.74 1.06 4.38
C GLN D 101 19.59 2.13 5.04
N VAL D 102 19.21 3.39 4.80
CA VAL D 102 19.85 4.53 5.43
C VAL D 102 18.91 5.08 6.49
N LEU D 103 19.49 5.37 7.65
CA LEU D 103 18.77 5.82 8.81
C LEU D 103 19.23 7.24 9.10
N TYR D 104 18.34 8.20 8.93
CA TYR D 104 18.67 9.61 9.20
C TYR D 104 17.53 10.33 9.90
N TYR D 105 17.86 11.31 10.74
CA TYR D 105 16.88 12.08 11.49
C TYR D 105 16.46 13.30 10.67
N GLU D 106 15.19 13.34 10.29
CA GLU D 106 14.66 14.43 9.48
C GLU D 106 14.09 15.52 10.38
N ALA D 107 14.61 16.74 10.23
CA ALA D 107 14.20 17.86 11.09
C ALA D 107 12.72 18.23 10.89
N ALA D 108 12.28 18.34 9.63
CA ALA D 108 10.89 18.69 9.30
C ALA D 108 9.83 17.69 9.79
N LYS D 109 10.22 16.44 10.00
CA LYS D 109 9.32 15.40 10.48
C LYS D 109 9.48 15.08 11.99
N SER D 110 10.55 15.57 12.61
CA SER D 110 10.89 15.32 14.02
C SER D 110 10.98 13.83 14.33
N GLY D 111 11.80 13.13 13.55
CA GLY D 111 11.94 11.70 13.72
C GLY D 111 13.00 11.05 12.82
N TRP D 112 13.43 9.88 13.27
CA TRP D 112 14.26 8.99 12.46
C TRP D 112 13.47 8.55 11.22
N VAL D 113 14.15 8.53 10.08
CA VAL D 113 13.59 8.03 8.80
C VAL D 113 14.44 6.88 8.24
N SER D 114 13.77 5.90 7.66
CA SER D 114 14.43 4.76 6.96
C SER D 114 14.21 4.96 5.48
N TYR D 115 15.31 4.97 4.72
CA TYR D 115 15.26 5.13 3.27
C TYR D 115 16.04 4.00 2.61
N SER D 116 15.34 3.21 1.81
CA SER D 116 15.92 2.14 0.98
C SER D 116 15.96 2.49 -0.48
N SER D 117 14.93 3.18 -0.95
CA SER D 117 14.80 3.55 -2.36
C SER D 117 13.72 4.60 -2.49
N GLN D 118 13.53 5.10 -3.70
CA GLN D 118 12.52 6.13 -3.98
C GLN D 118 11.10 5.70 -3.66
N SER D 119 10.85 4.39 -3.80
CA SER D 119 9.57 3.79 -3.50
C SER D 119 9.52 2.96 -2.21
N ASN D 120 10.57 2.96 -1.39
CA ASN D 120 10.60 2.22 -0.12
C ASN D 120 11.33 3.05 0.92
N HIS D 121 10.54 3.74 1.72
CA HIS D 121 11.04 4.61 2.79
C HIS D 121 9.91 4.84 3.77
N PHE D 122 10.23 5.12 5.03
CA PHE D 122 9.20 5.31 6.04
C PHE D 122 9.74 6.07 7.24
N GLN D 123 8.85 6.80 7.90
CA GLN D 123 9.23 7.46 9.14
C GLN D 123 9.22 6.42 10.25
N VAL D 124 10.32 6.32 10.97
CA VAL D 124 10.53 5.29 11.96
C VAL D 124 9.97 5.74 13.31
N THR D 125 10.19 7.02 13.63
CA THR D 125 9.98 7.60 14.96
C THR D 125 9.16 8.90 14.87
N ASP D 126 8.39 9.22 15.92
CA ASP D 126 7.58 10.47 15.99
C ASP D 126 8.25 11.55 16.86
N SER D 127 7.52 12.64 17.16
CA SER D 127 8.03 13.76 17.99
C SER D 127 8.71 13.35 19.30
N ASN D 128 8.20 12.29 19.94
CA ASN D 128 8.66 11.90 21.27
C ASN D 128 9.55 10.65 21.30
N GLY D 129 10.21 10.36 20.18
CA GLY D 129 11.08 9.19 20.09
C GLY D 129 10.36 7.86 20.14
N LYS D 130 9.08 7.85 19.79
CA LYS D 130 8.27 6.62 19.81
C LYS D 130 8.09 6.10 18.40
N LEU D 131 7.99 4.78 18.25
CA LEU D 131 7.80 4.16 16.95
C LEU D 131 6.46 4.51 16.35
N THR D 132 6.48 4.88 15.07
CA THR D 132 5.27 5.01 14.26
C THR D 132 4.77 3.63 13.93
N ALA D 133 3.60 3.55 13.28
CA ALA D 133 3.10 2.28 12.74
C ALA D 133 4.14 1.60 11.84
N SER D 134 4.80 2.39 11.01
CA SER D 134 5.85 1.85 10.15
C SER D 134 7.09 1.42 10.93
N GLY D 135 7.45 2.22 11.93
CA GLY D 135 8.52 1.88 12.87
C GLY D 135 8.30 0.57 13.60
N LYS D 136 7.06 0.33 14.02
CA LYS D 136 6.69 -0.97 14.60
C LYS D 136 6.88 -2.13 13.66
N GLY D 137 6.84 -1.89 12.36
CA GLY D 137 7.20 -2.90 11.38
C GLY D 137 8.62 -3.43 11.47
N LEU D 138 9.54 -2.69 12.11
CA LEU D 138 10.91 -3.19 12.32
C LEU D 138 10.98 -4.29 13.38
N LEU D 139 9.97 -4.36 14.25
CA LEU D 139 9.94 -5.34 15.33
C LEU D 139 9.77 -6.75 14.82
N VAL D 140 10.32 -7.70 15.56
CA VAL D 140 10.07 -9.12 15.35
C VAL D 140 9.77 -9.71 16.73
N PRO D 141 8.50 -9.60 17.18
CA PRO D 141 8.19 -9.97 18.56
C PRO D 141 8.11 -11.45 18.88
N HIS D 142 8.15 -12.33 17.89
CA HIS D 142 7.95 -13.77 18.15
C HIS D 142 9.10 -14.66 17.68
N ALA D 143 10.31 -14.16 17.76
CA ALA D 143 11.50 -14.89 17.35
C ALA D 143 12.64 -14.41 18.23
N ASN D 144 13.73 -15.17 18.23
CA ASN D 144 14.91 -14.80 19.01
C ASN D 144 15.74 -13.74 18.34
N TRP D 145 16.19 -12.80 19.17
CA TRP D 145 17.16 -11.81 18.82
C TRP D 145 18.46 -12.15 19.52
N GLY D 146 19.57 -11.83 18.86
CA GLY D 146 20.90 -12.13 19.38
C GLY D 146 22.00 -12.02 18.35
N LYS D 147 23.18 -12.45 18.74
CA LYS D 147 24.38 -12.39 17.89
C LYS D 147 24.52 -13.64 17.02
N GLU D 148 23.94 -14.76 17.45
CA GLU D 148 24.22 -16.05 16.81
C GLU D 148 23.44 -16.25 15.51
N ASN D 149 23.89 -17.24 14.73
CA ASN D 149 23.43 -17.45 13.35
C ASN D 149 21.94 -17.79 13.30
N GLY D 150 21.16 -16.99 12.58
CA GLY D 150 19.71 -17.18 12.49
C GLY D 150 18.91 -16.26 13.42
N ASN D 151 19.59 -15.62 14.38
CA ASN D 151 18.93 -14.66 15.25
C ASN D 151 18.62 -13.37 14.47
N TYR D 152 17.54 -12.71 14.85
CA TYR D 152 17.32 -11.34 14.40
C TYR D 152 18.26 -10.40 15.11
N ALA D 153 18.62 -9.32 14.42
CA ALA D 153 19.43 -8.24 14.97
C ALA D 153 19.39 -7.05 14.02
N PHE D 154 19.85 -5.90 14.49
CA PHE D 154 20.10 -4.75 13.62
C PHE D 154 21.61 -4.51 13.60
N LEU D 155 22.16 -4.22 12.42
CA LEU D 155 23.55 -3.78 12.32
C LEU D 155 23.53 -2.31 11.95
N LEU D 156 24.21 -1.50 12.78
CA LEU D 156 24.36 -0.05 12.57
C LEU D 156 25.79 0.28 12.14
N VAL D 157 25.94 0.90 10.98
CA VAL D 157 27.25 1.33 10.50
C VAL D 157 27.19 2.83 10.30
N ASN D 158 28.03 3.59 11.00
CA ASN D 158 28.05 5.03 10.82
C ASN D 158 28.37 5.37 9.39
N ALA D 159 27.62 6.28 8.83
CA ALA D 159 27.84 6.73 7.47
C ALA D 159 28.78 7.95 7.53
N SER D 160 29.99 7.70 8.02
CA SER D 160 31.09 8.67 7.97
C SER D 160 31.60 8.79 6.55
N ALA D 161 32.43 9.79 6.28
CA ALA D 161 33.07 9.93 4.96
C ALA D 161 33.75 8.64 4.50
N GLU D 162 34.50 8.00 5.39
CA GLU D 162 35.25 6.78 5.05
C GLU D 162 34.29 5.64 4.65
N ASN D 163 33.23 5.47 5.41
CA ASN D 163 32.26 4.41 5.13
C ASN D 163 31.41 4.66 3.89
N ILE D 164 31.07 5.91 3.65
CA ILE D 164 30.38 6.32 2.43
C ILE D 164 31.24 6.04 1.21
N ILE D 165 32.50 6.47 1.27
CA ILE D 165 33.44 6.20 0.19
C ILE D 165 33.58 4.69 -0.02
N HIS D 166 33.75 3.91 1.05
CA HIS D 166 33.79 2.44 0.91
C HIS D 166 32.56 1.86 0.25
N ALA D 167 31.38 2.27 0.71
CA ALA D 167 30.11 1.77 0.15
C ALA D 167 30.01 2.00 -1.35
N ALA D 168 30.31 3.23 -1.74
CA ALA D 168 30.24 3.65 -3.15
C ALA D 168 31.26 2.91 -3.99
N ASN D 169 32.49 2.80 -3.51
CA ASN D 169 33.53 2.04 -4.22
C ASN D 169 33.20 0.55 -4.32
N PHE D 170 32.66 0.00 -3.24
CA PHE D 170 32.29 -1.40 -3.19
C PHE D 170 31.23 -1.67 -4.25
N VAL D 171 30.23 -0.81 -4.29
CA VAL D 171 29.12 -0.90 -5.24
C VAL D 171 29.64 -0.78 -6.67
N TYR D 172 30.42 0.26 -6.95
CA TYR D 172 30.99 0.46 -8.28
C TYR D 172 31.81 -0.74 -8.76
N ILE D 173 32.74 -1.20 -7.93
CA ILE D 173 33.62 -2.27 -8.35
C ILE D 173 32.83 -3.55 -8.48
N LEU D 174 31.96 -3.85 -7.50
CA LEU D 174 31.13 -5.05 -7.54
C LEU D 174 30.40 -5.15 -8.87
N ARG D 175 29.79 -4.05 -9.30
CA ARG D 175 28.99 -4.00 -10.53
C ARG D 175 29.84 -4.30 -11.76
N THR D 176 30.87 -3.49 -11.96
CA THR D 176 31.75 -3.57 -13.14
C THR D 176 32.66 -4.80 -13.16
N GLN D 177 32.96 -5.37 -11.99
CA GLN D 177 33.90 -6.47 -11.84
C GLN D 177 33.28 -7.54 -10.93
N ASN D 178 33.76 -7.72 -9.70
CA ASN D 178 33.18 -8.74 -8.81
C ASN D 178 33.41 -8.52 -7.31
N GLU D 179 32.71 -9.32 -6.52
CA GLU D 179 32.67 -9.23 -5.06
C GLU D 179 34.04 -9.24 -4.34
N VAL D 180 35.00 -10.09 -4.76
CA VAL D 180 36.36 -10.08 -4.17
C VAL D 180 37.22 -8.95 -4.72
N ALA D 181 36.96 -8.58 -5.97
CA ALA D 181 37.56 -7.40 -6.57
C ALA D 181 37.15 -6.11 -5.85
N ALA D 182 35.91 -6.09 -5.39
CA ALA D 182 35.38 -4.94 -4.65
C ALA D 182 35.99 -4.89 -3.26
N ILE D 183 36.02 -6.04 -2.60
CA ILE D 183 36.63 -6.16 -1.28
C ILE D 183 38.11 -5.66 -1.29
N GLU D 184 38.87 -6.10 -2.30
CA GLU D 184 40.30 -5.80 -2.34
C GLU D 184 40.55 -4.36 -2.75
N TYR D 185 39.73 -3.85 -3.67
CA TYR D 185 39.76 -2.42 -4.03
C TYR D 185 39.52 -1.53 -2.83
N CYS D 186 38.48 -1.84 -2.05
CA CYS D 186 38.17 -1.06 -0.86
C CYS D 186 39.33 -1.06 0.14
N ALA D 187 40.02 -2.18 0.30
CA ALA D 187 41.16 -2.29 1.22
C ALA D 187 42.36 -1.38 0.88
N LEU D 188 42.52 -1.13 -0.41
CA LEU D 188 43.67 -0.42 -0.96
C LEU D 188 43.38 1.01 -1.39
N ASN D 189 42.12 1.46 -1.33
CA ASN D 189 41.75 2.81 -1.79
C ASN D 189 40.96 3.56 -0.75
N HIS D 190 41.12 4.88 -0.72
CA HIS D 190 40.42 5.71 0.26
C HIS D 190 39.76 6.95 -0.31
N GLU D 191 39.75 7.09 -1.63
CA GLU D 191 39.01 8.15 -2.32
C GLU D 191 37.89 7.52 -3.14
N PHE D 192 36.89 8.32 -3.48
CA PHE D 192 35.90 7.90 -4.46
C PHE D 192 36.60 7.47 -5.73
N HIS D 193 36.24 6.30 -6.24
CA HIS D 193 36.63 5.88 -7.60
C HIS D 193 36.35 7.03 -8.58
N PRO D 194 37.30 7.36 -9.49
CA PRO D 194 37.15 8.57 -10.37
C PRO D 194 35.88 8.63 -11.25
N GLU D 195 35.38 7.47 -11.69
CA GLU D 195 34.06 7.33 -12.35
C GLU D 195 32.79 7.52 -11.48
N ILE D 196 32.97 7.72 -10.17
CA ILE D 196 31.92 8.21 -9.31
C ILE D 196 32.15 9.70 -9.22
N LYS D 197 31.31 10.48 -9.90
CA LYS D 197 31.44 11.95 -9.94
C LYS D 197 30.84 12.65 -8.73
N ARG D 198 31.71 13.28 -7.94
CA ARG D 198 31.32 14.04 -6.76
C ARG D 198 30.82 15.41 -7.25
N THR D 199 29.73 15.93 -6.67
CA THR D 199 29.20 17.25 -7.05
C THR D 199 28.29 17.86 -5.97
MG MG E . -8.23 17.31 -13.90
MG MG F . -43.23 -4.64 7.16
#